data_5TKF
#
_entry.id   5TKF
#
_cell.length_a   43.300
_cell.length_b   67.040
_cell.length_c   84.150
_cell.angle_alpha   97.570
_cell.angle_beta   97.610
_cell.angle_gamma   97.430
#
_symmetry.space_group_name_H-M   'P 1'
#
loop_
_entity.id
_entity.type
_entity.pdbx_description
1 polymer 'Lytic polysaccharide monooxygenase'
2 branched alpha-D-mannopyranose-(1-2)-alpha-D-mannopyranose-(1-3)-[alpha-D-mannopyranose-(1-3)-alpha-D-mannopyranose-(1-6)]alpha-D-mannopyranose-(1-4)-2-acetamido-2-deoxy-beta-D-glucopyranose-(1-4)-2-acetamido-2-deoxy-beta-D-glucopyranose
3 branched 2-acetamido-2-deoxy-beta-D-glucopyranose-(1-4)-2-acetamido-2-deoxy-beta-D-glucopyranose
4 branched alpha-D-mannopyranose-(1-3)-alpha-D-mannopyranose-(1-4)-2-acetamido-2-deoxy-beta-D-glucopyranose-(1-4)-2-acetamido-2-deoxy-beta-D-glucopyranose
5 non-polymer 'COPPER (II) ION'
6 non-polymer 'OXYGEN MOLECULE'
7 non-polymer 2-acetamido-2-deoxy-beta-D-glucopyranose
8 water water
#
_entity_poly.entity_id   1
_entity_poly.type   'polypeptide(L)'
_entity_poly.pdbx_seq_one_letter_code
;HTIFSSLEVNGVNQGLGEGVRVPTYNGPIEDVTSASIACNGSPNTVASTSKVITVQAGTNVTAIWRYMLSTTGDSPADVM
DSSHKGPTIAYLKKVDNAATASGVGNGWFKIQQDGMDSSGVWGTERVINGKGRHSIKIPECIAPGQYLLRAEMIALHAAS
NYPGAQFYMECAQLNVVGGTGAKTPSTVSFPGAYSGSDPGVKISIYWPPVTSYTVPGPSVFTC
;
_entity_poly.pdbx_strand_id   A,B,C,D
#
loop_
_chem_comp.id
_chem_comp.type
_chem_comp.name
_chem_comp.formula
CU non-polymer 'COPPER (II) ION' 'Cu 2'
MAN D-saccharide, alpha linking alpha-D-mannopyranose 'C6 H12 O6'
NAG D-saccharide, beta linking 2-acetamido-2-deoxy-beta-D-glucopyranose 'C8 H15 N O6'
OXY non-polymer 'OXYGEN MOLECULE' O2
#
# COMPACT_ATOMS: atom_id res chain seq x y z
N HIS A 1 5.72 12.85 -8.52
CA HIS A 1 5.52 11.55 -7.89
C HIS A 1 4.60 11.69 -6.68
N THR A 2 3.44 11.05 -6.76
CA THR A 2 2.36 11.25 -5.79
C THR A 2 1.29 10.21 -6.09
N ILE A 3 0.42 10.00 -5.11
CA ILE A 3 -0.67 9.03 -5.24
C ILE A 3 -1.92 9.60 -4.59
N PHE A 4 -3.03 9.59 -5.32
CA PHE A 4 -4.37 9.82 -4.76
C PHE A 4 -4.74 8.51 -4.07
N SER A 5 -4.47 8.45 -2.76
CA SER A 5 -4.46 7.19 -2.04
C SER A 5 -5.64 7.00 -1.09
N SER A 6 -6.44 8.04 -0.83
CA SER A 6 -7.66 7.86 -0.06
C SER A 6 -8.60 9.01 -0.34
N LEU A 7 -9.86 8.80 -0.01
CA LEU A 7 -10.93 9.77 -0.26
C LEU A 7 -11.61 10.12 1.05
N GLU A 8 -11.86 11.42 1.24
CA GLU A 8 -12.60 11.90 2.40
C GLU A 8 -14.01 12.28 1.97
N VAL A 9 -15.00 11.76 2.68
CA VAL A 9 -16.40 12.03 2.40
C VAL A 9 -17.10 12.37 3.71
N ASN A 10 -17.72 13.54 3.76
CA ASN A 10 -18.50 13.97 4.93
C ASN A 10 -17.61 14.04 6.17
N GLY A 11 -16.37 14.47 5.99
CA GLY A 11 -15.44 14.60 7.10
C GLY A 11 -14.85 13.29 7.60
N VAL A 12 -14.97 12.21 6.83
CA VAL A 12 -14.51 10.90 7.25
C VAL A 12 -13.61 10.33 6.15
N ASN A 13 -12.33 10.13 6.48
CA ASN A 13 -11.44 9.47 5.54
C ASN A 13 -11.83 8.00 5.42
N GLN A 14 -11.97 7.52 4.18
CA GLN A 14 -12.52 6.21 3.92
C GLN A 14 -11.47 5.09 3.97
N GLY A 15 -10.23 5.41 4.28
CA GLY A 15 -9.21 4.39 4.45
C GLY A 15 -8.24 4.37 3.28
N LEU A 16 -6.98 4.07 3.58
CA LEU A 16 -5.93 4.01 2.57
C LEU A 16 -6.22 2.86 1.60
N GLY A 17 -6.34 3.20 0.31
CA GLY A 17 -6.61 2.21 -0.71
C GLY A 17 -7.96 1.55 -0.59
N GLU A 18 -8.85 2.12 0.21
CA GLU A 18 -10.20 1.59 0.42
C GLU A 18 -11.18 2.44 -0.38
N GLY A 19 -11.75 1.86 -1.42
CA GLY A 19 -12.57 2.61 -2.33
C GLY A 19 -11.80 3.43 -3.35
N VAL A 20 -10.47 3.40 -3.29
CA VAL A 20 -9.61 4.00 -4.30
C VAL A 20 -8.67 2.92 -4.80
N ARG A 21 -8.53 2.81 -6.12
CA ARG A 21 -7.64 1.83 -6.73
C ARG A 21 -6.25 2.43 -6.77
N VAL A 22 -5.41 2.04 -5.82
CA VAL A 22 -4.12 2.70 -5.64
C VAL A 22 -2.99 1.82 -6.14
N PRO A 23 -2.00 2.38 -6.83
CA PRO A 23 -0.74 1.67 -7.03
C PRO A 23 0.17 1.83 -5.82
N THR A 24 1.10 0.89 -5.69
CA THR A 24 2.16 1.08 -4.69
C THR A 24 3.24 2.02 -5.20
N TYR A 25 3.51 2.00 -6.50
CA TYR A 25 4.50 2.88 -7.10
C TYR A 25 3.87 4.20 -7.48
N ASN A 26 4.53 5.30 -7.12
CA ASN A 26 4.00 6.64 -7.34
C ASN A 26 4.48 7.26 -8.65
N GLY A 27 5.04 6.45 -9.57
CA GLY A 27 5.54 6.97 -10.83
C GLY A 27 4.44 7.36 -11.78
N PRO A 28 4.71 8.30 -12.68
CA PRO A 28 3.67 8.82 -13.56
C PRO A 28 3.40 7.93 -14.77
N ILE A 29 2.24 8.16 -15.36
CA ILE A 29 1.96 7.74 -16.73
C ILE A 29 2.40 8.87 -17.65
N GLU A 30 3.12 8.52 -18.72
CA GLU A 30 3.63 9.52 -19.64
C GLU A 30 3.13 9.35 -21.07
N ASP A 31 2.44 8.26 -21.38
CA ASP A 31 1.82 8.04 -22.69
C ASP A 31 0.34 8.36 -22.55
N VAL A 32 -0.06 9.55 -23.04
CA VAL A 32 -1.43 10.01 -22.83
C VAL A 32 -2.46 9.13 -23.52
N THR A 33 -2.04 8.35 -24.52
CA THR A 33 -2.97 7.49 -25.24
C THR A 33 -2.89 6.04 -24.77
N SER A 34 -2.12 5.77 -23.73
CA SER A 34 -2.12 4.44 -23.13
C SER A 34 -3.44 4.19 -22.42
N ALA A 35 -3.87 2.93 -22.42
CA ALA A 35 -5.04 2.56 -21.65
C ALA A 35 -4.86 2.90 -20.18
N SER A 36 -3.61 2.98 -19.71
CA SER A 36 -3.34 3.33 -18.32
C SER A 36 -3.70 4.76 -17.98
N ILE A 37 -3.99 5.62 -18.97
CA ILE A 37 -4.29 7.01 -18.66
C ILE A 37 -5.60 7.11 -17.90
N ALA A 38 -6.50 6.15 -18.06
CA ALA A 38 -7.83 6.25 -17.48
C ALA A 38 -7.78 6.16 -15.95
N CYS A 39 -7.33 5.02 -15.42
CA CYS A 39 -7.27 4.80 -13.99
C CYS A 39 -5.88 4.30 -13.56
N ASN A 40 -4.85 4.77 -14.25
CA ASN A 40 -3.49 4.29 -14.00
C ASN A 40 -3.39 2.84 -14.45
N GLY A 41 -2.22 2.25 -14.35
CA GLY A 41 -2.00 0.89 -14.80
C GLY A 41 -0.57 0.71 -15.27
N SER A 42 -0.37 -0.34 -16.06
CA SER A 42 0.97 -0.72 -16.53
C SER A 42 1.71 0.49 -17.11
N PRO A 43 3.02 0.61 -16.81
CA PRO A 43 3.87 -0.33 -16.07
C PRO A 43 3.73 -0.28 -14.55
N ASN A 44 2.76 0.47 -14.04
CA ASN A 44 2.46 0.42 -12.61
C ASN A 44 1.51 -0.75 -12.33
N THR A 45 1.46 -1.14 -11.06
CA THR A 45 0.54 -2.16 -10.59
C THR A 45 -0.51 -1.49 -9.72
N VAL A 46 -1.78 -1.65 -10.08
CA VAL A 46 -2.88 -0.98 -9.41
C VAL A 46 -3.69 -2.02 -8.66
N ALA A 47 -3.91 -1.78 -7.37
CA ALA A 47 -4.66 -2.71 -6.53
C ALA A 47 -6.15 -2.52 -6.70
N SER A 48 -6.89 -3.62 -6.68
N SER A 48 -6.89 -3.63 -6.68
CA SER A 48 -8.34 -3.55 -6.69
CA SER A 48 -8.34 -3.58 -6.68
C SER A 48 -8.88 -3.37 -5.27
C SER A 48 -8.85 -3.28 -5.27
N THR A 49 -10.12 -2.92 -5.18
CA THR A 49 -10.77 -2.68 -3.90
C THR A 49 -12.26 -2.93 -4.03
N SER A 50 -12.84 -3.59 -3.04
CA SER A 50 -14.25 -3.93 -3.07
C SER A 50 -15.15 -2.85 -2.48
N LYS A 51 -14.58 -1.83 -1.84
CA LYS A 51 -15.36 -0.80 -1.20
C LYS A 51 -15.90 0.18 -2.23
N VAL A 52 -17.20 0.45 -2.17
CA VAL A 52 -17.84 1.48 -2.98
C VAL A 52 -18.39 2.53 -2.03
N ILE A 53 -17.96 3.77 -2.19
CA ILE A 53 -18.19 4.81 -1.20
C ILE A 53 -19.49 5.54 -1.53
N THR A 54 -20.36 5.64 -0.53
CA THR A 54 -21.58 6.42 -0.66
C THR A 54 -21.28 7.91 -0.59
N VAL A 55 -21.89 8.68 -1.48
CA VAL A 55 -21.75 10.13 -1.49
C VAL A 55 -23.06 10.73 -1.94
N GLN A 56 -23.57 11.69 -1.19
CA GLN A 56 -24.80 12.38 -1.57
C GLN A 56 -24.50 13.37 -2.69
N ALA A 57 -25.24 13.26 -3.79
CA ALA A 57 -25.08 14.18 -4.90
C ALA A 57 -25.21 15.62 -4.42
N GLY A 58 -24.40 16.50 -4.99
CA GLY A 58 -24.36 17.88 -4.60
C GLY A 58 -23.33 18.21 -3.54
N THR A 59 -22.83 17.21 -2.82
CA THR A 59 -21.83 17.44 -1.79
C THR A 59 -20.45 17.23 -2.38
N ASN A 60 -19.42 17.50 -1.58
CA ASN A 60 -18.04 17.38 -2.00
C ASN A 60 -17.40 16.11 -1.46
N VAL A 61 -16.47 15.58 -2.26
CA VAL A 61 -15.48 14.63 -1.78
C VAL A 61 -14.13 15.31 -1.88
N THR A 62 -13.16 14.84 -1.10
CA THR A 62 -11.80 15.38 -1.13
C THR A 62 -10.84 14.23 -1.40
N ALA A 63 -10.19 14.28 -2.57
CA ALA A 63 -9.09 13.36 -2.85
C ALA A 63 -7.88 13.77 -2.02
N ILE A 64 -7.27 12.81 -1.35
CA ILE A 64 -6.13 13.03 -0.46
C ILE A 64 -4.89 12.53 -1.18
N TRP A 65 -4.02 13.45 -1.60
CA TRP A 65 -2.82 13.10 -2.33
C TRP A 65 -1.64 12.95 -1.38
N ARG A 66 -0.87 11.88 -1.57
CA ARG A 66 0.29 11.60 -0.74
C ARG A 66 1.44 11.15 -1.62
N TYR A 67 2.67 11.35 -1.13
CA TYR A 67 3.86 10.97 -1.88
C TYR A 67 3.93 9.46 -2.08
N MET A 68 3.76 8.69 -1.01
CA MET A 68 3.75 7.23 -1.08
C MET A 68 2.64 6.72 -0.16
N LEU A 69 2.35 5.42 -0.29
CA LEU A 69 1.33 4.81 0.56
C LEU A 69 1.73 4.79 2.03
N SER A 70 3.02 4.87 2.33
CA SER A 70 3.50 4.87 3.71
C SER A 70 3.58 6.26 4.31
N THR A 71 3.29 7.30 3.54
CA THR A 71 3.43 8.67 4.02
C THR A 71 2.44 8.95 5.15
N THR A 72 2.93 9.57 6.22
CA THR A 72 2.09 9.89 7.39
C THR A 72 1.68 11.34 7.46
N GLY A 73 2.50 12.27 6.97
CA GLY A 73 2.24 13.69 7.13
C GLY A 73 1.36 14.26 6.03
N ASP A 74 1.16 15.57 6.10
CA ASP A 74 0.39 16.31 5.11
C ASP A 74 1.09 17.58 4.66
N SER A 75 2.40 17.67 4.84
CA SER A 75 3.16 18.84 4.41
C SER A 75 3.54 18.70 2.94
N PRO A 76 4.06 19.76 2.32
CA PRO A 76 4.43 19.67 0.90
C PRO A 76 5.26 18.43 0.56
N ALA A 77 6.30 18.14 1.34
CA ALA A 77 7.13 16.97 1.07
C ALA A 77 6.33 15.67 1.17
N ASP A 78 5.19 15.68 1.83
CA ASP A 78 4.34 14.51 1.97
C ASP A 78 3.34 14.36 0.83
N VAL A 79 3.26 15.33 -0.08
CA VAL A 79 2.29 15.35 -1.17
C VAL A 79 2.97 15.13 -2.52
N MET A 80 3.84 16.07 -2.92
CA MET A 80 4.50 16.00 -4.21
C MET A 80 5.58 17.08 -4.25
N ASP A 81 6.66 16.80 -4.98
CA ASP A 81 7.75 17.76 -5.07
C ASP A 81 7.24 19.07 -5.67
N SER A 82 7.70 20.19 -5.09
N SER A 82 7.71 20.19 -5.10
CA SER A 82 7.21 21.51 -5.49
CA SER A 82 7.22 21.50 -5.49
C SER A 82 7.59 21.87 -6.93
C SER A 82 7.55 21.84 -6.94
N SER A 83 8.51 21.14 -7.56
CA SER A 83 8.80 21.37 -8.96
C SER A 83 7.65 20.94 -9.85
N HIS A 84 6.76 20.08 -9.35
CA HIS A 84 5.70 19.46 -10.17
C HIS A 84 4.52 20.41 -10.31
N LYS A 85 4.76 21.50 -11.03
CA LYS A 85 3.71 22.48 -11.29
C LYS A 85 2.82 22.02 -12.44
N GLY A 86 1.51 22.19 -12.26
CA GLY A 86 0.56 21.86 -13.29
C GLY A 86 -0.86 21.86 -12.78
N PRO A 87 -1.80 21.41 -13.61
CA PRO A 87 -3.21 21.44 -13.22
C PRO A 87 -3.61 20.26 -12.36
N THR A 88 -4.73 20.45 -11.65
CA THR A 88 -5.45 19.36 -11.01
C THR A 88 -6.81 19.25 -11.67
N ILE A 89 -7.28 18.02 -11.84
CA ILE A 89 -8.48 17.74 -12.63
C ILE A 89 -9.21 16.57 -12.01
N ALA A 90 -10.53 16.50 -12.23
CA ALA A 90 -11.31 15.38 -11.75
C ALA A 90 -12.44 15.07 -12.74
N TYR A 91 -12.70 13.78 -12.93
CA TYR A 91 -13.72 13.31 -13.84
C TYR A 91 -14.61 12.28 -13.16
N LEU A 92 -15.81 12.12 -13.70
CA LEU A 92 -16.72 11.04 -13.32
C LEU A 92 -17.07 10.21 -14.55
N LYS A 93 -17.34 8.93 -14.31
CA LYS A 93 -17.81 8.02 -15.35
C LYS A 93 -18.87 7.11 -14.75
N LYS A 94 -20.07 7.15 -15.31
CA LYS A 94 -21.14 6.26 -14.87
C LYS A 94 -20.80 4.83 -15.31
N VAL A 95 -20.87 3.89 -14.37
CA VAL A 95 -20.53 2.50 -14.64
C VAL A 95 -21.55 1.58 -14.01
N ASP A 96 -21.60 0.34 -14.51
N ASP A 96 -21.71 0.42 -14.64
CA ASP A 96 -22.55 -0.63 -13.97
CA ASP A 96 -22.39 -0.76 -14.11
C ASP A 96 -22.12 -1.12 -12.59
C ASP A 96 -22.07 -0.99 -12.63
N ASN A 97 -20.84 -1.37 -12.37
CA ASN A 97 -20.36 -1.80 -11.07
C ASN A 97 -19.01 -1.12 -10.83
N ALA A 98 -18.99 -0.15 -9.91
CA ALA A 98 -17.79 0.63 -9.68
C ALA A 98 -16.64 -0.20 -9.12
N ALA A 99 -16.91 -1.38 -8.59
CA ALA A 99 -15.86 -2.23 -8.06
C ALA A 99 -15.17 -3.06 -9.14
N THR A 100 -15.78 -3.18 -10.33
CA THR A 100 -15.25 -4.06 -11.37
C THR A 100 -15.08 -3.38 -12.73
N ALA A 101 -15.76 -2.27 -12.99
CA ALA A 101 -15.65 -1.60 -14.29
C ALA A 101 -14.23 -1.11 -14.51
N SER A 102 -13.76 -1.21 -15.76
CA SER A 102 -12.37 -0.94 -16.09
C SER A 102 -12.06 0.56 -16.12
N GLY A 103 -12.98 1.38 -16.63
CA GLY A 103 -12.74 2.79 -16.80
C GLY A 103 -12.20 3.18 -18.16
N VAL A 104 -11.57 2.25 -18.89
CA VAL A 104 -11.11 2.53 -20.23
C VAL A 104 -12.29 2.73 -21.15
N GLY A 105 -12.25 3.81 -21.94
CA GLY A 105 -13.24 4.05 -22.97
C GLY A 105 -14.09 5.28 -22.72
N ASN A 106 -15.26 5.29 -23.35
CA ASN A 106 -16.16 6.42 -23.32
C ASN A 106 -16.77 6.61 -21.92
N GLY A 107 -17.39 7.76 -21.71
CA GLY A 107 -18.24 7.99 -20.57
C GLY A 107 -17.74 9.03 -19.58
N TRP A 108 -16.52 9.54 -19.76
CA TRP A 108 -15.95 10.47 -18.79
C TRP A 108 -16.45 11.88 -19.03
N PHE A 109 -16.80 12.58 -17.95
CA PHE A 109 -17.06 14.01 -18.00
C PHE A 109 -16.32 14.71 -16.86
N LYS A 110 -15.84 15.91 -17.14
CA LYS A 110 -15.04 16.67 -16.19
C LYS A 110 -15.94 17.42 -15.21
N ILE A 111 -15.58 17.37 -13.93
CA ILE A 111 -16.33 18.06 -12.89
C ILE A 111 -15.49 19.02 -12.08
N GLN A 112 -14.18 19.08 -12.32
CA GLN A 112 -13.32 20.03 -11.62
C GLN A 112 -12.03 20.20 -12.40
N GLN A 113 -11.46 21.40 -12.31
CA GLN A 113 -10.12 21.64 -12.83
C GLN A 113 -9.57 22.91 -12.21
N ASP A 114 -8.24 22.95 -12.04
CA ASP A 114 -7.53 24.08 -11.45
C ASP A 114 -6.20 24.18 -12.19
N GLY A 115 -6.12 25.12 -13.14
CA GLY A 115 -4.93 25.27 -13.94
C GLY A 115 -3.93 26.24 -13.33
N MET A 116 -3.65 27.34 -14.03
CA MET A 116 -2.79 28.39 -13.52
C MET A 116 -3.61 29.66 -13.38
N ASP A 117 -3.46 30.35 -12.25
CA ASP A 117 -4.22 31.55 -11.98
C ASP A 117 -3.44 32.79 -12.43
N SER A 118 -4.06 33.96 -12.27
CA SER A 118 -3.44 35.20 -12.71
C SER A 118 -2.15 35.50 -11.96
N SER A 119 -1.92 34.89 -10.81
CA SER A 119 -0.69 35.07 -10.05
C SER A 119 0.40 34.09 -10.46
N GLY A 120 0.12 33.20 -11.42
CA GLY A 120 1.09 32.21 -11.82
C GLY A 120 1.22 31.04 -10.87
N VAL A 121 0.25 30.84 -9.99
CA VAL A 121 0.24 29.71 -9.06
C VAL A 121 -0.63 28.62 -9.63
N TRP A 122 -0.16 27.38 -9.55
CA TRP A 122 -0.77 26.25 -10.23
C TRP A 122 -1.62 25.41 -9.29
N GLY A 123 -2.53 24.64 -9.89
CA GLY A 123 -3.42 23.81 -9.10
C GLY A 123 -2.68 22.81 -8.22
N THR A 124 -1.64 22.16 -8.76
CA THR A 124 -0.88 21.21 -7.95
C THR A 124 -0.26 21.88 -6.74
N GLU A 125 0.15 23.15 -6.88
CA GLU A 125 0.73 23.86 -5.76
C GLU A 125 -0.29 24.10 -4.66
N ARG A 126 -1.54 24.37 -5.04
CA ARG A 126 -2.58 24.52 -4.02
C ARG A 126 -2.84 23.20 -3.30
N VAL A 127 -2.69 22.07 -3.98
CA VAL A 127 -2.83 20.78 -3.31
C VAL A 127 -1.59 20.48 -2.48
N ILE A 128 -0.40 20.73 -3.04
CA ILE A 128 0.83 20.49 -2.31
C ILE A 128 0.85 21.28 -1.00
N ASN A 129 0.51 22.56 -1.07
CA ASN A 129 0.52 23.44 0.09
C ASN A 129 -0.81 23.46 0.83
N GLY A 130 -1.76 22.61 0.43
CA GLY A 130 -3.05 22.56 1.08
C GLY A 130 -3.33 21.21 1.71
N LYS A 131 -2.32 20.62 2.33
CA LYS A 131 -2.45 19.35 3.04
C LYS A 131 -2.78 18.18 2.10
N GLY A 132 -2.51 18.34 0.80
CA GLY A 132 -2.84 17.29 -0.16
C GLY A 132 -4.31 17.16 -0.45
N ARG A 133 -5.12 18.15 -0.06
CA ARG A 133 -6.56 18.05 -0.20
C ARG A 133 -7.01 18.60 -1.54
N HIS A 134 -7.76 17.78 -2.27
CA HIS A 134 -8.21 18.09 -3.62
C HIS A 134 -9.73 17.99 -3.60
N SER A 135 -10.39 19.13 -3.36
CA SER A 135 -11.82 19.14 -3.13
C SER A 135 -12.58 19.13 -4.46
N ILE A 136 -13.60 18.29 -4.56
CA ILE A 136 -14.30 18.03 -5.81
C ILE A 136 -15.79 17.98 -5.52
N LYS A 137 -16.56 18.82 -6.21
CA LYS A 137 -18.01 18.84 -6.05
C LYS A 137 -18.64 17.77 -6.94
N ILE A 138 -19.36 16.84 -6.33
CA ILE A 138 -20.15 15.87 -7.08
C ILE A 138 -21.43 16.56 -7.53
N PRO A 139 -21.70 16.67 -8.82
CA PRO A 139 -22.90 17.40 -9.26
C PRO A 139 -24.18 16.82 -8.67
N GLU A 140 -25.12 17.70 -8.36
CA GLU A 140 -26.40 17.29 -7.79
C GLU A 140 -27.37 16.77 -8.83
N CYS A 141 -27.18 17.13 -10.10
CA CYS A 141 -28.17 16.91 -11.13
C CYS A 141 -27.91 15.67 -11.98
N ILE A 142 -26.84 14.93 -11.72
CA ILE A 142 -26.54 13.75 -12.53
C ILE A 142 -27.35 12.56 -12.02
N ALA A 143 -27.37 11.48 -12.78
CA ALA A 143 -28.11 10.30 -12.37
C ALA A 143 -27.45 9.68 -11.14
N PRO A 144 -28.24 9.11 -10.23
CA PRO A 144 -27.65 8.37 -9.11
C PRO A 144 -27.10 7.03 -9.57
N GLY A 145 -26.23 6.46 -8.74
CA GLY A 145 -25.73 5.13 -8.99
C GLY A 145 -24.21 5.07 -8.91
N GLN A 146 -23.67 4.07 -9.58
CA GLN A 146 -22.25 3.75 -9.49
C GLN A 146 -21.44 4.60 -10.46
N TYR A 147 -20.37 5.20 -9.96
CA TYR A 147 -19.46 6.01 -10.76
C TYR A 147 -18.02 5.69 -10.40
N LEU A 148 -17.14 5.88 -11.36
CA LEU A 148 -15.71 6.00 -11.10
C LEU A 148 -15.35 7.48 -11.05
N LEU A 149 -14.56 7.86 -10.04
CA LEU A 149 -14.06 9.23 -9.91
C LEU A 149 -12.57 9.22 -10.22
N ARG A 150 -12.19 9.91 -11.28
CA ARG A 150 -10.79 9.99 -11.71
C ARG A 150 -10.24 11.35 -11.29
N ALA A 151 -9.39 11.35 -10.28
CA ALA A 151 -8.70 12.57 -9.83
C ALA A 151 -7.28 12.54 -10.36
N GLU A 152 -6.81 13.69 -10.85
CA GLU A 152 -5.59 13.75 -11.62
C GLU A 152 -4.77 14.99 -11.27
N MET A 153 -3.46 14.81 -11.21
CA MET A 153 -2.52 15.93 -11.16
C MET A 153 -1.51 15.72 -12.28
N ILE A 154 -1.27 16.78 -13.06
CA ILE A 154 -0.33 16.73 -14.18
C ILE A 154 0.86 17.62 -13.84
N ALA A 155 2.05 17.04 -13.83
CA ALA A 155 3.28 17.79 -13.60
C ALA A 155 3.90 18.16 -14.94
N LEU A 156 4.17 19.45 -15.14
CA LEU A 156 4.63 19.97 -16.43
C LEU A 156 6.06 20.50 -16.38
N HIS A 157 6.81 20.19 -15.31
CA HIS A 157 8.17 20.70 -15.19
C HIS A 157 9.08 20.20 -16.30
N ALA A 158 8.77 19.05 -16.90
CA ALA A 158 9.59 18.46 -17.95
C ALA A 158 8.80 18.29 -19.25
N ALA A 159 7.84 19.17 -19.51
CA ALA A 159 6.85 18.97 -20.55
C ALA A 159 7.11 19.78 -21.81
N SER A 160 8.31 20.37 -21.95
N SER A 160 8.32 20.34 -21.97
CA SER A 160 8.63 21.13 -23.14
CA SER A 160 8.61 21.15 -23.15
C SER A 160 8.40 20.30 -24.40
C SER A 160 8.48 20.32 -24.43
N ASN A 161 8.75 19.03 -24.36
CA ASN A 161 8.55 18.10 -25.46
C ASN A 161 7.56 17.02 -25.04
N TYR A 162 7.07 16.27 -26.03
CA TYR A 162 6.27 15.08 -25.73
C TYR A 162 6.97 13.84 -26.27
N PRO A 163 7.08 12.78 -25.45
CA PRO A 163 6.63 12.68 -24.05
C PRO A 163 7.44 13.53 -23.10
N GLY A 164 6.83 13.91 -21.97
CA GLY A 164 7.47 14.77 -20.99
C GLY A 164 6.54 15.09 -19.84
N ALA A 165 5.32 15.50 -20.16
CA ALA A 165 4.32 15.72 -19.12
C ALA A 165 4.10 14.44 -18.32
N GLN A 166 3.84 14.60 -17.04
CA GLN A 166 3.69 13.47 -16.12
C GLN A 166 2.28 13.47 -15.56
N PHE A 167 1.56 12.38 -15.80
CA PHE A 167 0.16 12.26 -15.41
C PHE A 167 0.04 11.31 -14.23
N TYR A 168 -0.49 11.81 -13.12
CA TYR A 168 -0.74 11.02 -11.92
C TYR A 168 -2.24 10.97 -11.68
N MET A 169 -2.81 9.77 -11.68
CA MET A 169 -4.26 9.64 -11.49
C MET A 169 -4.58 8.34 -10.80
N GLU A 170 -5.70 8.34 -10.09
CA GLU A 170 -6.30 7.15 -9.51
C GLU A 170 -7.80 7.30 -9.56
N CYS A 171 -8.49 6.17 -9.54
CA CYS A 171 -9.95 6.14 -9.62
C CYS A 171 -10.53 5.68 -8.29
N ALA A 172 -11.47 6.46 -7.77
CA ALA A 172 -12.28 6.05 -6.63
C ALA A 172 -13.59 5.45 -7.13
N GLN A 173 -14.24 4.71 -6.24
CA GLN A 173 -15.45 3.95 -6.57
C GLN A 173 -16.59 4.50 -5.73
N LEU A 174 -17.55 5.14 -6.37
CA LEU A 174 -18.60 5.89 -5.69
C LEU A 174 -19.98 5.31 -5.97
N ASN A 175 -20.87 5.47 -4.99
CA ASN A 175 -22.30 5.26 -5.16
C ASN A 175 -22.98 6.59 -4.91
N VAL A 176 -23.35 7.30 -5.97
CA VAL A 176 -23.94 8.62 -5.85
C VAL A 176 -25.41 8.47 -5.54
N VAL A 177 -25.84 9.03 -4.40
CA VAL A 177 -27.20 8.90 -3.92
C VAL A 177 -27.84 10.27 -3.87
N GLY A 178 -29.11 10.34 -4.26
CA GLY A 178 -29.84 11.60 -4.29
C GLY A 178 -29.73 12.36 -5.59
N GLY A 179 -28.92 11.89 -6.54
CA GLY A 179 -28.81 12.53 -7.83
C GLY A 179 -30.15 12.66 -8.52
N THR A 180 -30.48 13.86 -8.99
CA THR A 180 -31.80 14.10 -9.58
C THR A 180 -31.93 13.52 -10.98
N GLY A 181 -30.81 13.27 -11.67
CA GLY A 181 -30.87 12.77 -13.02
C GLY A 181 -31.40 13.76 -14.04
N ALA A 182 -31.54 15.04 -13.66
CA ALA A 182 -32.11 16.03 -14.57
C ALA A 182 -31.15 16.41 -15.69
N LYS A 183 -29.86 16.12 -15.55
CA LYS A 183 -28.87 16.45 -16.56
C LYS A 183 -27.96 15.26 -16.82
N THR A 184 -27.70 15.01 -18.10
CA THR A 184 -26.75 13.99 -18.53
C THR A 184 -25.61 14.70 -19.23
N PRO A 185 -24.37 14.61 -18.74
CA PRO A 185 -23.28 15.35 -19.37
C PRO A 185 -22.82 14.71 -20.67
N SER A 186 -22.31 15.55 -21.57
N SER A 186 -22.31 15.55 -21.57
CA SER A 186 -21.57 15.05 -22.72
CA SER A 186 -21.57 15.05 -22.72
C SER A 186 -20.24 14.49 -22.24
C SER A 186 -20.24 14.48 -22.23
N THR A 187 -19.79 13.40 -22.86
CA THR A 187 -18.68 12.62 -22.37
C THR A 187 -17.56 12.49 -23.39
N VAL A 188 -16.38 12.13 -22.89
CA VAL A 188 -15.20 11.89 -23.70
C VAL A 188 -14.60 10.55 -23.29
N SER A 189 -13.57 10.12 -24.04
CA SER A 189 -12.93 8.85 -23.83
C SER A 189 -11.53 9.03 -23.24
N PHE A 190 -11.19 8.15 -22.29
CA PHE A 190 -9.81 8.00 -21.84
C PHE A 190 -9.36 6.57 -22.12
N PRO A 191 -8.33 6.38 -22.96
CA PRO A 191 -7.56 7.38 -23.71
C PRO A 191 -8.37 8.03 -24.84
N GLY A 192 -7.90 9.17 -25.32
CA GLY A 192 -8.54 9.85 -26.42
C GLY A 192 -8.75 11.34 -26.17
N ALA A 193 -9.14 11.68 -24.95
CA ALA A 193 -9.46 13.08 -24.64
C ALA A 193 -8.21 13.95 -24.64
N TYR A 194 -7.06 13.39 -24.26
CA TYR A 194 -5.80 14.12 -24.29
C TYR A 194 -5.00 13.72 -25.53
N SER A 195 -4.24 14.68 -26.04
CA SER A 195 -3.32 14.45 -27.15
C SER A 195 -1.95 14.98 -26.77
N GLY A 196 -0.91 14.32 -27.29
CA GLY A 196 0.46 14.75 -27.06
C GLY A 196 0.77 16.13 -27.61
N SER A 197 -0.09 16.68 -28.46
CA SER A 197 0.10 18.01 -29.01
C SER A 197 -0.79 19.05 -28.35
N ASP A 198 -1.56 18.68 -27.33
CA ASP A 198 -2.43 19.64 -26.67
C ASP A 198 -1.61 20.79 -26.10
N PRO A 199 -2.12 22.03 -26.16
CA PRO A 199 -1.35 23.16 -25.62
C PRO A 199 -1.06 23.05 -24.14
N GLY A 200 -1.81 22.22 -23.40
CA GLY A 200 -1.59 22.00 -21.99
C GLY A 200 -0.76 20.77 -21.67
N VAL A 201 -0.33 20.03 -22.69
CA VAL A 201 0.49 18.83 -22.50
C VAL A 201 1.94 19.07 -22.92
N LYS A 202 2.15 19.51 -24.16
CA LYS A 202 3.47 19.92 -24.63
C LYS A 202 3.58 21.42 -24.40
N ILE A 203 4.40 21.83 -23.44
CA ILE A 203 4.43 23.22 -23.01
C ILE A 203 5.69 23.44 -22.18
N SER A 204 6.35 24.56 -22.43
N SER A 204 6.34 24.57 -22.42
CA SER A 204 7.45 25.02 -21.59
CA SER A 204 7.45 25.04 -21.61
C SER A 204 6.90 26.03 -20.61
C SER A 204 6.91 26.05 -20.60
N ILE A 205 6.84 25.65 -19.33
CA ILE A 205 6.24 26.49 -18.29
C ILE A 205 7.25 27.51 -17.78
N TYR A 206 8.44 27.56 -18.38
CA TYR A 206 9.47 28.50 -17.94
C TYR A 206 9.78 29.58 -18.98
N TRP A 207 10.00 29.21 -20.23
CA TRP A 207 10.21 30.22 -21.26
C TRP A 207 9.46 29.96 -22.57
N PRO A 208 8.73 30.98 -23.08
CA PRO A 208 8.50 32.27 -22.40
C PRO A 208 7.55 32.07 -21.23
N PRO A 209 7.38 33.09 -20.39
CA PRO A 209 6.50 32.93 -19.22
C PRO A 209 5.08 32.64 -19.65
N VAL A 210 4.44 31.71 -18.94
CA VAL A 210 3.07 31.32 -19.26
C VAL A 210 2.12 32.44 -18.85
N THR A 211 1.41 33.01 -19.82
CA THR A 211 0.39 34.01 -19.55
C THR A 211 -0.96 33.38 -19.25
N SER A 212 -1.37 32.40 -20.06
CA SER A 212 -2.58 31.64 -19.82
C SER A 212 -2.31 30.18 -20.14
N TYR A 213 -2.95 29.30 -19.37
CA TYR A 213 -2.78 27.87 -19.51
C TYR A 213 -4.12 27.22 -19.84
N THR A 214 -4.11 26.34 -20.85
CA THR A 214 -5.31 25.63 -21.28
C THR A 214 -5.26 24.22 -20.69
N VAL A 215 -6.09 23.97 -19.69
CA VAL A 215 -6.18 22.61 -19.14
C VAL A 215 -6.65 21.66 -20.22
N PRO A 216 -6.03 20.49 -20.40
CA PRO A 216 -6.52 19.56 -21.42
C PRO A 216 -7.86 18.95 -21.02
N GLY A 217 -8.53 18.38 -22.02
CA GLY A 217 -9.81 17.76 -21.82
C GLY A 217 -10.97 18.68 -22.12
N PRO A 218 -12.19 18.20 -21.96
CA PRO A 218 -13.38 19.02 -22.22
C PRO A 218 -13.56 20.07 -21.13
N SER A 219 -14.55 20.94 -21.35
CA SER A 219 -14.89 21.94 -20.34
C SER A 219 -15.60 21.28 -19.16
N VAL A 220 -15.60 21.99 -18.03
CA VAL A 220 -16.19 21.46 -16.81
C VAL A 220 -17.71 21.38 -16.97
N PHE A 221 -18.28 20.27 -16.50
CA PHE A 221 -19.74 20.13 -16.45
C PHE A 221 -20.27 20.78 -15.18
N THR A 222 -21.35 21.55 -15.31
CA THR A 222 -21.95 22.22 -14.17
C THR A 222 -23.48 22.12 -14.27
N CYS A 223 -24.12 21.92 -13.13
CA CYS A 223 -25.57 21.83 -13.08
C CYS A 223 -26.21 23.19 -13.35
N HIS B 1 11.75 3.90 -19.65
CA HIS B 1 11.32 2.86 -18.70
C HIS B 1 11.91 1.51 -19.08
N THR B 2 12.78 1.00 -18.22
CA THR B 2 13.62 -0.15 -18.53
C THR B 2 14.24 -0.66 -17.23
N ILE B 3 14.70 -1.90 -17.27
CA ILE B 3 15.34 -2.53 -16.11
C ILE B 3 16.50 -3.40 -16.59
N PHE B 4 17.69 -3.15 -16.07
CA PHE B 4 18.81 -4.09 -16.12
C PHE B 4 18.45 -5.24 -15.18
N SER B 5 17.89 -6.31 -15.75
CA SER B 5 17.29 -7.37 -14.93
C SER B 5 18.04 -8.68 -14.94
N SER B 6 19.06 -8.84 -15.79
CA SER B 6 19.88 -10.03 -15.75
C SER B 6 21.23 -9.71 -16.38
N LEU B 7 22.24 -10.49 -16.00
CA LEU B 7 23.61 -10.32 -16.48
C LEU B 7 24.06 -11.60 -17.17
N GLU B 8 24.70 -11.43 -18.33
CA GLU B 8 25.26 -12.55 -19.08
C GLU B 8 26.76 -12.58 -18.87
N VAL B 9 27.28 -13.74 -18.50
CA VAL B 9 28.71 -13.93 -18.28
C VAL B 9 29.12 -15.19 -19.03
N ASN B 10 30.10 -15.06 -19.93
CA ASN B 10 30.59 -16.18 -20.72
C ASN B 10 29.46 -16.85 -21.50
N GLY B 11 28.61 -16.03 -22.11
CA GLY B 11 27.50 -16.53 -22.91
C GLY B 11 26.36 -17.13 -22.12
N VAL B 12 26.44 -17.15 -20.79
CA VAL B 12 25.42 -17.76 -19.95
C VAL B 12 24.70 -16.64 -19.19
N ASN B 13 23.40 -16.54 -19.41
CA ASN B 13 22.59 -15.63 -18.61
C ASN B 13 22.47 -16.17 -17.19
N GLN B 14 22.76 -15.30 -16.21
CA GLN B 14 22.81 -15.74 -14.83
C GLN B 14 21.45 -15.76 -14.15
N GLY B 15 20.36 -15.49 -14.86
CA GLY B 15 19.04 -15.64 -14.30
C GLY B 15 18.40 -14.31 -13.96
N LEU B 16 17.07 -14.25 -14.09
CA LEU B 16 16.32 -13.03 -13.86
C LEU B 16 16.39 -12.64 -12.39
N GLY B 17 16.92 -11.45 -12.11
CA GLY B 17 17.04 -10.97 -10.74
C GLY B 17 18.01 -11.77 -9.90
N GLU B 18 18.87 -12.58 -10.49
CA GLU B 18 19.82 -13.40 -9.77
C GLU B 18 21.20 -12.77 -9.90
N GLY B 19 21.75 -12.29 -8.78
CA GLY B 19 22.96 -11.51 -8.81
C GLY B 19 22.78 -10.08 -9.28
N VAL B 20 21.56 -9.69 -9.67
CA VAL B 20 21.23 -8.32 -10.03
C VAL B 20 20.10 -7.87 -9.13
N ARG B 21 20.29 -6.73 -8.47
CA ARG B 21 19.30 -6.16 -7.55
C ARG B 21 18.30 -5.37 -8.38
N VAL B 22 17.20 -6.01 -8.73
CA VAL B 22 16.21 -5.42 -9.64
C VAL B 22 15.15 -4.68 -8.84
N PRO B 23 14.67 -3.53 -9.31
CA PRO B 23 13.49 -2.91 -8.70
C PRO B 23 12.23 -3.60 -9.16
N THR B 24 11.18 -3.42 -8.36
CA THR B 24 9.87 -3.93 -8.76
C THR B 24 9.37 -3.23 -10.02
N TYR B 25 9.68 -1.95 -10.16
CA TYR B 25 9.11 -1.12 -11.21
C TYR B 25 10.21 -0.53 -12.08
N ASN B 26 9.86 -0.24 -13.33
CA ASN B 26 10.82 0.21 -14.34
C ASN B 26 10.96 1.73 -14.40
N GLY B 27 10.38 2.45 -13.46
CA GLY B 27 10.41 3.89 -13.48
C GLY B 27 11.78 4.46 -13.18
N PRO B 28 12.05 5.69 -13.62
CA PRO B 28 13.38 6.28 -13.44
C PRO B 28 13.55 6.98 -12.10
N ILE B 29 14.81 7.09 -11.70
CA ILE B 29 15.23 8.07 -10.69
C ILE B 29 15.50 9.38 -11.41
N GLU B 30 14.97 10.48 -10.86
CA GLU B 30 15.15 11.79 -11.46
C GLU B 30 15.92 12.77 -10.58
N ASP B 31 16.11 12.47 -9.31
CA ASP B 31 16.82 13.35 -8.38
C ASP B 31 18.23 12.78 -8.17
N VAL B 32 19.22 13.41 -8.80
CA VAL B 32 20.58 12.90 -8.73
C VAL B 32 21.22 13.08 -7.37
N THR B 33 20.60 13.85 -6.46
CA THR B 33 21.10 13.97 -5.10
C THR B 33 20.53 12.90 -4.18
N SER B 34 19.52 12.16 -4.62
CA SER B 34 18.95 11.09 -3.81
C SER B 34 19.92 9.92 -3.72
N ALA B 35 19.97 9.30 -2.54
CA ALA B 35 20.79 8.11 -2.37
C ALA B 35 20.35 6.98 -3.28
N SER B 36 19.10 7.01 -3.74
CA SER B 36 18.60 6.02 -4.68
C SER B 36 19.33 6.05 -6.02
N ILE B 37 20.13 7.09 -6.29
CA ILE B 37 20.86 7.17 -7.54
C ILE B 37 21.96 6.12 -7.62
N ALA B 38 22.36 5.54 -6.49
CA ALA B 38 23.48 4.59 -6.50
C ALA B 38 23.07 3.25 -7.09
N CYS B 39 22.11 2.58 -6.45
CA CYS B 39 21.65 1.27 -6.91
C CYS B 39 20.12 1.24 -7.02
N ASN B 40 19.53 2.37 -7.39
CA ASN B 40 18.07 2.50 -7.44
C ASN B 40 17.52 2.45 -6.02
N GLY B 41 16.22 2.67 -5.86
CA GLY B 41 15.61 2.64 -4.54
C GLY B 41 14.37 3.50 -4.49
N SER B 42 14.04 3.92 -3.28
CA SER B 42 12.84 4.71 -3.01
C SER B 42 12.74 5.91 -3.95
N PRO B 43 11.51 6.21 -4.46
CA PRO B 43 10.22 5.61 -4.10
C PRO B 43 9.97 4.23 -4.73
N ASN B 44 10.95 3.70 -5.46
CA ASN B 44 10.88 2.33 -5.95
C ASN B 44 11.24 1.38 -4.80
N THR B 45 11.19 0.08 -5.07
CA THR B 45 11.57 -0.94 -4.10
C THR B 45 12.51 -1.92 -4.78
N VAL B 46 13.71 -2.06 -4.22
CA VAL B 46 14.74 -2.92 -4.81
C VAL B 46 14.82 -4.21 -4.01
N ALA B 47 14.76 -5.33 -4.70
CA ALA B 47 14.84 -6.63 -4.07
C ALA B 47 16.28 -7.02 -3.80
N SER B 48 16.46 -7.94 -2.86
CA SER B 48 17.77 -8.49 -2.53
C SER B 48 17.97 -9.83 -3.22
N THR B 49 19.24 -10.17 -3.42
CA THR B 49 19.62 -11.45 -4.01
C THR B 49 20.92 -11.90 -3.38
N SER B 50 21.01 -13.18 -3.05
CA SER B 50 22.18 -13.73 -2.40
C SER B 50 23.25 -14.19 -3.38
N LYS B 51 22.97 -14.21 -4.67
CA LYS B 51 23.90 -14.72 -5.66
C LYS B 51 24.98 -13.68 -5.97
N VAL B 52 26.24 -14.10 -5.90
CA VAL B 52 27.38 -13.30 -6.34
C VAL B 52 27.97 -13.98 -7.56
N ILE B 53 28.08 -13.25 -8.66
CA ILE B 53 28.46 -13.83 -9.94
C ILE B 53 29.97 -13.72 -10.10
N THR B 54 30.62 -14.86 -10.32
CA THR B 54 32.06 -14.88 -10.56
C THR B 54 32.36 -14.43 -11.98
N VAL B 55 33.33 -13.54 -12.11
N VAL B 55 33.34 -13.55 -12.11
CA VAL B 55 33.74 -13.01 -13.41
CA VAL B 55 33.74 -12.98 -13.40
C VAL B 55 35.25 -12.91 -13.45
C VAL B 55 35.26 -12.91 -13.44
N GLN B 56 35.83 -13.25 -14.60
CA GLN B 56 37.27 -13.13 -14.79
C GLN B 56 37.63 -11.70 -15.13
N ALA B 57 38.58 -11.13 -14.40
CA ALA B 57 39.06 -9.79 -14.72
C ALA B 57 39.65 -9.77 -16.13
N GLY B 58 39.37 -8.71 -16.87
CA GLY B 58 39.84 -8.58 -18.23
C GLY B 58 38.88 -9.11 -19.29
N THR B 59 37.75 -9.68 -18.89
CA THR B 59 36.76 -10.18 -19.82
C THR B 59 35.55 -9.25 -19.83
N ASN B 60 34.62 -9.54 -20.74
CA ASN B 60 33.42 -8.73 -20.90
C ASN B 60 32.22 -9.42 -20.28
N VAL B 61 31.35 -8.63 -19.67
CA VAL B 61 30.03 -9.06 -19.26
C VAL B 61 29.02 -8.23 -20.03
N THR B 62 27.79 -8.75 -20.11
CA THR B 62 26.75 -8.10 -20.89
C THR B 62 25.53 -7.94 -20.00
N ALA B 63 25.19 -6.69 -19.67
CA ALA B 63 23.95 -6.40 -18.99
C ALA B 63 22.80 -6.52 -19.98
N ILE B 64 21.70 -7.13 -19.54
CA ILE B 64 20.54 -7.38 -20.38
C ILE B 64 19.41 -6.46 -19.89
N TRP B 65 19.03 -5.50 -20.72
CA TRP B 65 17.99 -4.55 -20.38
C TRP B 65 16.65 -5.00 -20.94
N ARG B 66 15.60 -4.85 -20.13
CA ARG B 66 14.26 -5.26 -20.51
C ARG B 66 13.25 -4.21 -20.03
N TYR B 67 12.12 -4.14 -20.74
CA TYR B 67 11.10 -3.15 -20.40
C TYR B 67 10.60 -3.34 -18.98
N MET B 68 10.16 -4.55 -18.63
CA MET B 68 9.64 -4.86 -17.31
C MET B 68 10.21 -6.20 -16.86
N LEU B 69 9.97 -6.53 -15.59
CA LEU B 69 10.46 -7.80 -15.07
C LEU B 69 9.80 -8.99 -15.77
N SER B 70 8.60 -8.81 -16.30
CA SER B 70 7.88 -9.88 -16.97
C SER B 70 8.19 -9.99 -18.47
N THR B 71 8.94 -9.05 -19.02
CA THR B 71 9.21 -9.04 -20.45
C THR B 71 9.94 -10.31 -20.87
N THR B 72 9.48 -10.92 -21.96
CA THR B 72 10.10 -12.13 -22.51
C THR B 72 10.84 -11.91 -23.82
N GLY B 73 10.37 -10.99 -24.66
CA GLY B 73 10.99 -10.76 -25.95
C GLY B 73 12.18 -9.81 -25.86
N ASP B 74 12.84 -9.64 -27.01
CA ASP B 74 14.00 -8.75 -27.10
C ASP B 74 13.91 -7.81 -28.31
N SER B 75 12.71 -7.56 -28.83
CA SER B 75 12.54 -6.52 -29.83
C SER B 75 12.75 -5.16 -29.17
N PRO B 76 12.95 -4.10 -29.97
CA PRO B 76 13.23 -2.79 -29.37
C PRO B 76 12.23 -2.38 -28.30
N ALA B 77 10.93 -2.61 -28.52
CA ALA B 77 9.93 -2.22 -27.54
C ALA B 77 10.05 -3.05 -26.28
N ASP B 78 10.58 -4.26 -26.38
CA ASP B 78 10.83 -5.11 -25.22
C ASP B 78 12.03 -4.65 -24.41
N VAL B 79 12.79 -3.67 -24.88
CA VAL B 79 13.95 -3.13 -24.18
C VAL B 79 13.65 -1.76 -23.60
N MET B 80 13.34 -0.78 -24.46
CA MET B 80 13.04 0.57 -24.01
C MET B 80 12.48 1.36 -25.19
N ASP B 81 11.61 2.33 -24.89
CA ASP B 81 10.98 3.12 -25.92
C ASP B 81 12.01 3.89 -26.73
N SER B 82 11.78 3.96 -28.06
CA SER B 82 12.74 4.56 -28.97
C SER B 82 13.02 6.02 -28.65
N SER B 83 12.14 6.69 -27.90
CA SER B 83 12.35 8.10 -27.58
C SER B 83 13.46 8.30 -26.55
N HIS B 84 13.80 7.27 -25.77
CA HIS B 84 14.73 7.40 -24.65
C HIS B 84 16.17 7.39 -25.15
N LYS B 85 16.53 8.47 -25.86
CA LYS B 85 17.88 8.65 -26.36
C LYS B 85 18.80 9.16 -25.25
N GLY B 86 19.99 8.57 -25.17
CA GLY B 86 20.97 8.99 -24.19
C GLY B 86 22.12 8.03 -24.07
N PRO B 87 22.96 8.22 -23.06
CA PRO B 87 24.16 7.38 -22.90
C PRO B 87 23.89 6.12 -22.09
N THR B 88 24.76 5.14 -22.30
CA THR B 88 24.89 3.99 -21.42
C THR B 88 26.21 4.10 -20.67
N ILE B 89 26.21 3.67 -19.41
CA ILE B 89 27.36 3.83 -18.53
C ILE B 89 27.42 2.64 -17.59
N ALA B 90 28.62 2.31 -17.12
CA ALA B 90 28.81 1.23 -16.16
C ALA B 90 29.91 1.60 -15.17
N TYR B 91 29.67 1.30 -13.89
CA TYR B 91 30.62 1.59 -12.82
C TYR B 91 30.86 0.32 -12.00
N LEU B 92 32.02 0.31 -11.33
CA LEU B 92 32.35 -0.73 -10.36
C LEU B 92 32.63 -0.08 -9.01
N LYS B 93 32.35 -0.83 -7.95
CA LYS B 93 32.63 -0.40 -6.57
C LYS B 93 33.14 -1.59 -5.79
N LYS B 94 34.36 -1.47 -5.25
N LYS B 94 34.36 -1.48 -5.25
CA LYS B 94 34.92 -2.52 -4.42
CA LYS B 94 34.91 -2.53 -4.42
C LYS B 94 34.22 -2.52 -3.06
C LYS B 94 34.22 -2.53 -3.07
N VAL B 95 33.65 -3.66 -2.68
CA VAL B 95 32.94 -3.81 -1.41
C VAL B 95 33.45 -5.06 -0.72
N ASP B 96 33.10 -5.20 0.56
CA ASP B 96 33.53 -6.35 1.33
C ASP B 96 32.62 -7.55 1.11
N ASN B 97 31.32 -7.32 0.85
CA ASN B 97 30.38 -8.39 0.59
C ASN B 97 29.37 -7.88 -0.43
N ALA B 98 29.43 -8.43 -1.65
CA ALA B 98 28.60 -7.93 -2.74
C ALA B 98 27.12 -8.20 -2.52
N ALA B 99 26.77 -9.14 -1.65
CA ALA B 99 25.37 -9.47 -1.40
C ALA B 99 24.71 -8.57 -0.36
N THR B 100 25.50 -7.86 0.45
CA THR B 100 24.95 -6.99 1.49
C THR B 100 25.37 -5.54 1.38
N ALA B 101 26.41 -5.21 0.62
CA ALA B 101 26.90 -3.83 0.55
C ALA B 101 25.85 -2.90 -0.03
N SER B 102 25.85 -1.63 0.40
N SER B 102 25.62 -1.81 0.71
CA SER B 102 24.74 -0.70 0.14
CA SER B 102 25.00 -0.62 0.17
C SER B 102 24.80 0.10 -1.18
C SER B 102 26.02 0.08 -0.73
N GLY B 103 25.83 -0.08 -2.02
CA GLY B 103 26.27 0.88 -3.02
C GLY B 103 26.40 2.38 -2.69
N VAL B 104 25.85 2.88 -1.60
CA VAL B 104 25.80 4.31 -1.36
C VAL B 104 27.17 4.82 -0.92
N GLY B 105 27.60 5.94 -1.51
CA GLY B 105 28.79 6.64 -1.08
C GLY B 105 29.94 6.50 -2.06
N ASN B 106 31.12 6.87 -1.58
CA ASN B 106 32.33 6.89 -2.39
C ASN B 106 32.79 5.46 -2.72
N GLY B 107 33.56 5.34 -3.78
CA GLY B 107 34.14 4.07 -4.18
C GLY B 107 33.92 3.68 -5.62
N TRP B 108 33.02 4.38 -6.31
CA TRP B 108 32.68 4.05 -7.68
C TRP B 108 33.73 4.56 -8.65
N PHE B 109 34.01 3.77 -9.70
CA PHE B 109 34.80 4.24 -10.82
C PHE B 109 34.20 3.73 -12.11
N LYS B 110 34.21 4.58 -13.13
CA LYS B 110 33.58 4.27 -14.40
C LYS B 110 34.45 3.35 -15.23
N ILE B 111 33.83 2.34 -15.85
CA ILE B 111 34.54 1.39 -16.69
C ILE B 111 33.99 1.31 -18.10
N GLN B 112 32.82 1.92 -18.37
CA GLN B 112 32.26 1.90 -19.71
C GLN B 112 31.33 3.09 -19.87
N GLN B 113 31.31 3.66 -21.07
CA GLN B 113 30.30 4.66 -21.42
C GLN B 113 30.13 4.67 -22.93
N ASP B 114 28.92 5.02 -23.35
CA ASP B 114 28.56 5.08 -24.77
C ASP B 114 27.56 6.22 -24.93
N GLY B 115 28.04 7.37 -25.39
CA GLY B 115 27.20 8.55 -25.50
C GLY B 115 26.58 8.71 -26.88
N MET B 116 26.99 9.75 -27.60
CA MET B 116 26.51 10.02 -28.95
C MET B 116 27.70 9.97 -29.90
N ASP B 117 27.61 9.14 -30.94
CA ASP B 117 28.68 9.07 -31.92
C ASP B 117 28.52 10.18 -32.95
N SER B 118 29.44 10.21 -33.93
CA SER B 118 29.45 11.29 -34.91
C SER B 118 28.23 11.26 -35.81
N SER B 119 27.51 10.14 -35.89
CA SER B 119 26.31 10.05 -36.72
C SER B 119 25.04 10.43 -35.97
N GLY B 120 25.15 10.80 -34.70
CA GLY B 120 23.99 11.17 -33.92
C GLY B 120 23.25 10.01 -33.29
N VAL B 121 23.82 8.82 -33.29
CA VAL B 121 23.20 7.65 -32.69
C VAL B 121 23.70 7.51 -31.26
N TRP B 122 22.76 7.26 -30.34
CA TRP B 122 23.03 7.29 -28.91
C TRP B 122 23.27 5.89 -28.37
N GLY B 123 23.98 5.84 -27.23
CA GLY B 123 24.25 4.56 -26.58
C GLY B 123 22.99 3.76 -26.33
N THR B 124 21.96 4.39 -25.76
CA THR B 124 20.72 3.68 -25.46
C THR B 124 20.14 3.04 -26.72
N GLU B 125 20.25 3.73 -27.86
CA GLU B 125 19.69 3.20 -29.10
C GLU B 125 20.39 1.91 -29.50
N ARG B 126 21.71 1.83 -29.29
CA ARG B 126 22.45 0.60 -29.60
C ARG B 126 22.00 -0.55 -28.71
N VAL B 127 21.66 -0.26 -27.46
CA VAL B 127 21.09 -1.29 -26.60
C VAL B 127 19.67 -1.64 -27.05
N ILE B 128 18.85 -0.61 -27.29
CA ILE B 128 17.45 -0.83 -27.69
C ILE B 128 17.40 -1.71 -28.93
N ASN B 129 18.22 -1.38 -29.93
CA ASN B 129 18.20 -2.10 -31.20
C ASN B 129 19.16 -3.28 -31.23
N GLY B 130 19.86 -3.54 -30.12
CA GLY B 130 20.77 -4.68 -30.05
C GLY B 130 20.29 -5.71 -29.05
N LYS B 131 18.99 -5.94 -28.98
CA LYS B 131 18.39 -6.97 -28.15
C LYS B 131 18.55 -6.70 -26.66
N GLY B 132 18.77 -5.45 -26.28
CA GLY B 132 18.97 -5.09 -24.89
C GLY B 132 20.34 -5.40 -24.35
N ARG B 133 21.31 -5.73 -25.20
CA ARG B 133 22.64 -6.13 -24.77
C ARG B 133 23.52 -4.91 -24.54
N HIS B 134 24.15 -4.86 -23.36
CA HIS B 134 24.96 -3.72 -22.92
C HIS B 134 26.32 -4.27 -22.50
N SER B 135 27.30 -4.17 -23.40
CA SER B 135 28.59 -4.83 -23.20
C SER B 135 29.50 -3.98 -22.33
N ILE B 136 30.19 -4.63 -21.39
CA ILE B 136 30.97 -3.95 -20.36
C ILE B 136 32.25 -4.75 -20.12
N LYS B 137 33.40 -4.08 -20.21
CA LYS B 137 34.69 -4.72 -19.99
C LYS B 137 35.11 -4.55 -18.53
N ILE B 138 35.36 -5.67 -17.86
CA ILE B 138 35.89 -5.65 -16.50
C ILE B 138 37.40 -5.44 -16.59
N PRO B 139 37.95 -4.38 -15.99
CA PRO B 139 39.40 -4.17 -16.09
C PRO B 139 40.19 -5.33 -15.50
N GLU B 140 41.37 -5.56 -16.05
CA GLU B 140 42.24 -6.63 -15.58
C GLU B 140 43.14 -6.22 -14.43
N CYS B 141 43.43 -4.92 -14.29
CA CYS B 141 44.47 -4.44 -13.38
C CYS B 141 43.93 -4.02 -12.02
N ILE B 142 42.65 -4.26 -11.72
CA ILE B 142 42.09 -3.84 -10.44
C ILE B 142 42.23 -4.97 -9.42
N ALA B 143 41.99 -4.65 -8.16
CA ALA B 143 42.07 -5.65 -7.12
C ALA B 143 40.99 -6.71 -7.32
N PRO B 144 41.28 -7.97 -7.05
CA PRO B 144 40.23 -9.00 -7.11
C PRO B 144 39.33 -8.92 -5.88
N GLY B 145 38.17 -9.54 -6.00
CA GLY B 145 37.28 -9.66 -4.86
C GLY B 145 35.85 -9.24 -5.16
N GLN B 146 35.15 -8.79 -4.13
CA GLN B 146 33.74 -8.47 -4.23
C GLN B 146 33.55 -7.07 -4.80
N TYR B 147 32.65 -6.95 -5.77
CA TYR B 147 32.35 -5.68 -6.40
C TYR B 147 30.85 -5.57 -6.64
N LEU B 148 30.37 -4.33 -6.67
CA LEU B 148 29.07 -4.01 -7.23
C LEU B 148 29.28 -3.44 -8.63
N LEU B 149 28.45 -3.89 -9.57
CA LEU B 149 28.48 -3.41 -10.96
C LEU B 149 27.21 -2.61 -11.20
N ARG B 150 27.36 -1.30 -11.35
CA ARG B 150 26.24 -0.39 -11.58
C ARG B 150 26.19 -0.07 -13.07
N ALA B 151 25.22 -0.64 -13.77
CA ALA B 151 24.99 -0.35 -15.17
C ALA B 151 23.83 0.62 -15.30
N GLU B 152 23.94 1.56 -16.23
CA GLU B 152 23.02 2.68 -16.27
C GLU B 152 22.69 3.06 -17.71
N MET B 153 21.43 3.44 -17.91
CA MET B 153 20.99 4.10 -19.13
C MET B 153 20.28 5.38 -18.71
N ILE B 154 20.67 6.49 -19.33
CA ILE B 154 20.10 7.81 -19.03
C ILE B 154 19.32 8.25 -20.25
N ALA B 155 18.03 8.49 -20.09
CA ALA B 155 17.17 8.96 -21.16
C ALA B 155 17.04 10.48 -21.08
N LEU B 156 17.26 11.15 -22.20
CA LEU B 156 17.35 12.61 -22.24
C LEU B 156 16.24 13.26 -23.06
N HIS B 157 15.23 12.49 -23.49
CA HIS B 157 14.16 13.05 -24.31
C HIS B 157 13.40 14.17 -23.60
N ALA B 158 13.46 14.24 -22.28
CA ALA B 158 12.74 15.25 -21.52
C ALA B 158 13.69 16.02 -20.60
N ALA B 159 14.94 16.20 -21.02
CA ALA B 159 15.99 16.72 -20.16
C ALA B 159 16.31 18.18 -20.41
N SER B 160 15.45 18.89 -21.15
CA SER B 160 15.71 20.30 -21.42
C SER B 160 15.90 21.09 -20.13
N ASN B 161 15.18 20.73 -19.08
CA ASN B 161 15.37 21.31 -17.76
C ASN B 161 15.71 20.19 -16.77
N TYR B 162 16.15 20.61 -15.58
CA TYR B 162 16.34 19.68 -14.47
C TYR B 162 15.41 20.06 -13.33
N PRO B 163 14.67 19.09 -12.77
CA PRO B 163 14.62 17.66 -13.13
C PRO B 163 14.03 17.41 -14.51
N GLY B 164 14.46 16.33 -15.14
CA GLY B 164 14.00 15.98 -16.48
C GLY B 164 14.68 14.74 -17.01
N ALA B 165 16.01 14.70 -16.90
CA ALA B 165 16.74 13.49 -17.25
C ALA B 165 16.25 12.31 -16.40
N GLN B 166 16.22 11.14 -17.02
CA GLN B 166 15.71 9.92 -16.40
C GLN B 166 16.84 8.92 -16.26
N PHE B 167 17.13 8.52 -15.03
CA PHE B 167 18.25 7.63 -14.73
C PHE B 167 17.72 6.24 -14.39
N TYR B 168 18.14 5.24 -15.17
CA TYR B 168 17.78 3.85 -14.95
C TYR B 168 19.05 3.09 -14.62
N MET B 169 19.14 2.57 -13.40
CA MET B 169 20.35 1.86 -12.97
C MET B 169 19.98 0.67 -12.09
N GLU B 170 20.82 -0.36 -12.15
CA GLU B 170 20.72 -1.52 -11.28
C GLU B 170 22.13 -2.00 -10.97
N CYS B 171 22.30 -2.61 -9.80
CA CYS B 171 23.61 -3.05 -9.34
C CYS B 171 23.68 -4.56 -9.34
N ALA B 172 24.65 -5.11 -10.06
CA ALA B 172 24.94 -6.53 -10.03
C ALA B 172 26.03 -6.82 -9.01
N GLN B 173 26.04 -8.05 -8.51
CA GLN B 173 26.90 -8.46 -7.42
C GLN B 173 27.94 -9.42 -7.97
N LEU B 174 29.21 -8.99 -7.98
CA LEU B 174 30.27 -9.70 -8.68
C LEU B 174 31.34 -10.19 -7.72
N ASN B 175 32.00 -11.28 -8.12
CA ASN B 175 33.24 -11.78 -7.52
C ASN B 175 34.29 -11.73 -8.62
N VAL B 176 35.12 -10.69 -8.63
CA VAL B 176 36.09 -10.49 -9.69
C VAL B 176 37.33 -11.32 -9.39
N VAL B 177 37.59 -12.33 -10.22
CA VAL B 177 38.71 -13.25 -10.04
C VAL B 177 39.76 -12.95 -11.10
N GLY B 178 41.02 -12.89 -10.68
CA GLY B 178 42.13 -12.70 -11.59
C GLY B 178 42.67 -11.29 -11.70
N GLY B 179 42.08 -10.33 -11.00
CA GLY B 179 42.62 -8.98 -11.03
C GLY B 179 44.00 -8.93 -10.41
N THR B 180 44.87 -8.10 -10.99
CA THR B 180 46.25 -8.02 -10.54
C THR B 180 46.42 -7.15 -9.30
N GLY B 181 45.42 -6.36 -8.93
CA GLY B 181 45.58 -5.44 -7.83
C GLY B 181 46.69 -4.44 -8.04
N ALA B 182 47.09 -4.22 -9.29
CA ALA B 182 48.20 -3.33 -9.60
C ALA B 182 47.81 -1.86 -9.49
N LYS B 183 46.56 -1.55 -9.77
CA LYS B 183 46.12 -0.18 -9.94
C LYS B 183 44.87 0.08 -9.11
N THR B 184 44.83 1.24 -8.47
CA THR B 184 43.67 1.68 -7.71
C THR B 184 43.00 2.81 -8.46
N PRO B 185 41.81 2.62 -9.02
CA PRO B 185 41.14 3.74 -9.69
C PRO B 185 40.80 4.85 -8.71
N SER B 186 40.89 6.09 -9.18
CA SER B 186 40.27 7.19 -8.47
C SER B 186 38.76 7.00 -8.51
N THR B 187 38.10 7.37 -7.41
CA THR B 187 36.71 7.01 -7.20
C THR B 187 35.84 8.26 -7.03
N VAL B 188 34.54 8.07 -7.25
CA VAL B 188 33.54 9.09 -7.01
C VAL B 188 32.40 8.46 -6.21
N SER B 189 31.48 9.30 -5.77
CA SER B 189 30.39 8.89 -4.90
C SER B 189 29.06 8.99 -5.62
N PHE B 190 28.18 8.03 -5.36
CA PHE B 190 26.76 8.16 -5.65
C PHE B 190 25.99 8.15 -4.33
N PRO B 191 25.28 9.24 -4.00
CA PRO B 191 25.12 10.48 -4.74
C PRO B 191 26.36 11.37 -4.68
N GLY B 192 26.48 12.29 -5.65
CA GLY B 192 27.58 13.23 -5.65
C GLY B 192 28.23 13.40 -7.02
N ALA B 193 28.33 12.29 -7.76
CA ALA B 193 29.05 12.32 -9.03
C ALA B 193 28.28 13.07 -10.10
N TYR B 194 26.94 13.09 -10.01
CA TYR B 194 26.10 13.78 -10.98
C TYR B 194 25.53 15.05 -10.36
N SER B 195 25.41 16.09 -11.18
N SER B 195 25.41 16.09 -11.18
CA SER B 195 24.79 17.34 -10.80
CA SER B 195 24.77 17.33 -10.78
C SER B 195 23.70 17.70 -11.81
C SER B 195 23.71 17.70 -11.80
N GLY B 196 22.63 18.32 -11.32
CA GLY B 196 21.55 18.74 -12.19
C GLY B 196 21.95 19.78 -13.22
N SER B 197 23.13 20.38 -13.08
CA SER B 197 23.64 21.34 -14.04
C SER B 197 24.66 20.75 -15.00
N ASP B 198 24.98 19.46 -14.88
CA ASP B 198 25.94 18.84 -15.77
C ASP B 198 25.49 19.02 -17.22
N PRO B 199 26.41 19.29 -18.15
CA PRO B 199 26.00 19.45 -19.56
C PRO B 199 25.43 18.20 -20.19
N GLY B 200 25.59 17.04 -19.57
CA GLY B 200 24.97 15.81 -20.02
C GLY B 200 23.69 15.46 -19.31
N VAL B 201 23.27 16.24 -18.33
CA VAL B 201 22.04 16.01 -17.57
C VAL B 201 20.96 17.03 -17.94
N LYS B 202 21.32 18.31 -17.94
CA LYS B 202 20.44 19.39 -18.39
C LYS B 202 20.85 19.68 -19.84
N ILE B 203 20.03 19.24 -20.78
CA ILE B 203 20.41 19.29 -22.19
C ILE B 203 19.15 19.15 -23.03
N SER B 204 19.09 19.95 -24.09
CA SER B 204 18.06 19.82 -25.11
C SER B 204 18.66 19.06 -26.28
N ILE B 205 18.24 17.79 -26.46
CA ILE B 205 18.81 16.96 -27.52
C ILE B 205 18.17 17.20 -28.87
N TYR B 206 17.23 18.12 -28.98
CA TYR B 206 16.53 18.38 -30.23
C TYR B 206 16.88 19.70 -30.87
N TRP B 207 17.09 20.77 -30.09
CA TRP B 207 17.53 22.03 -30.66
C TRP B 207 18.31 22.89 -29.66
N PRO B 208 19.49 23.42 -30.06
CA PRO B 208 20.10 23.21 -31.37
C PRO B 208 20.63 21.79 -31.52
N PRO B 209 20.83 21.32 -32.75
CA PRO B 209 21.26 19.93 -32.94
C PRO B 209 22.54 19.64 -32.17
N VAL B 210 22.53 18.54 -31.45
CA VAL B 210 23.67 18.18 -30.61
C VAL B 210 24.79 17.63 -31.48
N THR B 211 25.97 18.23 -31.37
CA THR B 211 27.15 17.81 -32.12
C THR B 211 28.16 17.04 -31.28
N SER B 212 28.22 17.29 -29.97
CA SER B 212 29.08 16.55 -29.08
C SER B 212 28.41 16.47 -27.72
N TYR B 213 28.41 15.28 -27.12
CA TYR B 213 27.73 15.03 -25.86
C TYR B 213 28.74 14.62 -24.80
N THR B 214 28.69 15.30 -23.65
CA THR B 214 29.58 15.02 -22.52
C THR B 214 28.85 14.09 -21.57
N VAL B 215 29.29 12.84 -21.49
CA VAL B 215 28.68 11.88 -20.58
C VAL B 215 28.91 12.34 -19.14
N PRO B 216 27.90 12.38 -18.28
CA PRO B 216 28.14 12.76 -16.89
C PRO B 216 29.04 11.76 -16.18
N GLY B 217 29.66 12.22 -15.10
CA GLY B 217 30.52 11.38 -14.30
C GLY B 217 31.98 11.52 -14.66
N PRO B 218 32.83 10.78 -13.94
CA PRO B 218 34.28 10.84 -14.21
C PRO B 218 34.65 10.15 -15.51
N SER B 219 35.89 10.35 -15.92
N SER B 219 35.90 10.36 -15.91
CA SER B 219 36.40 9.70 -17.12
CA SER B 219 36.43 9.70 -17.10
C SER B 219 36.55 8.20 -16.89
C SER B 219 36.51 8.19 -16.88
N VAL B 220 36.53 7.45 -17.98
CA VAL B 220 36.60 5.99 -17.90
C VAL B 220 37.97 5.57 -17.39
N PHE B 221 37.98 4.67 -16.40
CA PHE B 221 39.22 4.10 -15.91
C PHE B 221 39.80 3.14 -16.93
N THR B 222 41.08 3.30 -17.23
CA THR B 222 41.79 2.43 -18.17
C THR B 222 43.06 1.92 -17.51
N CYS B 223 43.40 0.66 -17.80
CA CYS B 223 44.58 0.03 -17.22
C CYS B 223 45.84 0.51 -17.92
N HIS C 1 -15.70 -32.73 -7.96
CA HIS C 1 -14.69 -33.30 -8.86
C HIS C 1 -14.23 -32.26 -9.87
N THR C 2 -12.96 -31.88 -9.77
CA THR C 2 -12.43 -30.74 -10.51
C THR C 2 -10.91 -30.78 -10.45
N ILE C 3 -10.28 -30.04 -11.36
CA ILE C 3 -8.83 -29.98 -11.43
C ILE C 3 -8.40 -28.54 -11.70
N PHE C 4 -7.54 -28.01 -10.84
CA PHE C 4 -6.77 -26.82 -11.15
C PHE C 4 -5.69 -27.22 -12.15
N SER C 5 -5.97 -27.04 -13.44
CA SER C 5 -5.17 -27.65 -14.49
C SER C 5 -4.30 -26.66 -15.27
N SER C 6 -4.54 -25.36 -15.14
CA SER C 6 -3.68 -24.38 -15.80
C SER C 6 -3.75 -23.07 -15.04
N LEU C 7 -2.72 -22.25 -15.22
CA LEU C 7 -2.60 -20.97 -14.55
C LEU C 7 -2.50 -19.85 -15.59
N GLU C 8 -3.25 -18.79 -15.40
CA GLU C 8 -3.20 -17.62 -16.25
C GLU C 8 -2.38 -16.53 -15.56
N VAL C 9 -1.42 -15.96 -16.28
CA VAL C 9 -0.53 -14.93 -15.75
C VAL C 9 -0.41 -13.84 -16.79
N ASN C 10 -0.65 -12.60 -16.38
CA ASN C 10 -0.57 -11.45 -17.28
C ASN C 10 -1.46 -11.67 -18.51
N GLY C 11 -2.64 -12.24 -18.28
CA GLY C 11 -3.59 -12.49 -19.34
C GLY C 11 -3.28 -13.67 -20.23
N VAL C 12 -2.19 -14.39 -19.98
CA VAL C 12 -1.75 -15.50 -20.83
C VAL C 12 -1.88 -16.80 -20.04
N ASN C 13 -2.64 -17.73 -20.58
CA ASN C 13 -2.69 -19.08 -20.02
C ASN C 13 -1.37 -19.79 -20.31
N GLN C 14 -0.81 -20.43 -19.29
CA GLN C 14 0.53 -20.99 -19.40
C GLN C 14 0.54 -22.42 -19.94
N GLY C 15 -0.61 -23.00 -20.23
CA GLY C 15 -0.67 -24.31 -20.85
C GLY C 15 -1.18 -25.37 -19.90
N LEU C 16 -1.87 -26.36 -20.46
CA LEU C 16 -2.42 -27.45 -19.68
C LEU C 16 -1.30 -28.22 -18.99
N GLY C 17 -1.36 -28.28 -17.66
CA GLY C 17 -0.37 -29.02 -16.89
C GLY C 17 1.04 -28.49 -17.02
N GLU C 18 1.20 -27.28 -17.56
CA GLU C 18 2.51 -26.66 -17.71
C GLU C 18 2.70 -25.65 -16.59
N GLY C 19 3.62 -25.96 -15.67
CA GLY C 19 3.78 -25.16 -14.47
C GLY C 19 2.78 -25.48 -13.38
N VAL C 20 1.81 -26.34 -13.65
CA VAL C 20 0.88 -26.85 -12.66
C VAL C 20 1.05 -28.37 -12.63
N ARG C 21 1.23 -28.92 -11.43
CA ARG C 21 1.35 -30.37 -11.25
C ARG C 21 -0.06 -30.95 -11.19
N VAL C 22 -0.50 -31.56 -12.29
CA VAL C 22 -1.90 -31.96 -12.43
C VAL C 22 -2.05 -33.47 -12.36
N PRO C 23 -3.08 -33.98 -11.68
CA PRO C 23 -3.46 -35.38 -11.86
C PRO C 23 -4.36 -35.52 -13.08
N THR C 24 -4.53 -36.77 -13.50
CA THR C 24 -5.54 -37.09 -14.50
C THR C 24 -6.90 -37.37 -13.86
N TYR C 25 -6.91 -37.91 -12.64
CA TYR C 25 -8.15 -38.18 -11.93
C TYR C 25 -8.54 -36.97 -11.11
N ASN C 26 -9.81 -36.58 -11.19
CA ASN C 26 -10.30 -35.37 -10.53
C ASN C 26 -10.92 -35.65 -9.16
N GLY C 27 -10.62 -36.81 -8.58
CA GLY C 27 -11.18 -37.16 -7.29
C GLY C 27 -10.53 -36.39 -6.16
N PRO C 28 -11.26 -36.16 -5.06
CA PRO C 28 -10.72 -35.36 -3.97
C PRO C 28 -9.80 -36.15 -3.06
N ILE C 29 -9.02 -35.40 -2.30
CA ILE C 29 -8.36 -35.90 -1.10
C ILE C 29 -9.31 -35.65 0.06
N GLU C 30 -9.41 -36.63 0.96
CA GLU C 30 -10.33 -36.56 2.09
C GLU C 30 -9.67 -36.77 3.43
N ASP C 31 -8.40 -37.17 3.49
CA ASP C 31 -7.67 -37.36 4.74
C ASP C 31 -6.70 -36.20 4.90
N VAL C 32 -7.02 -35.29 5.81
CA VAL C 32 -6.21 -34.08 5.98
C VAL C 32 -4.88 -34.35 6.67
N THR C 33 -4.68 -35.56 7.19
CA THR C 33 -3.38 -35.95 7.73
C THR C 33 -2.46 -36.56 6.68
N SER C 34 -2.95 -36.80 5.47
CA SER C 34 -2.15 -37.41 4.43
C SER C 34 -1.20 -36.39 3.80
N ALA C 35 -0.03 -36.89 3.39
CA ALA C 35 0.90 -36.04 2.65
C ALA C 35 0.30 -35.52 1.36
N SER C 36 -0.76 -36.16 0.86
CA SER C 36 -1.40 -35.74 -0.37
C SER C 36 -2.17 -34.44 -0.21
N ILE C 37 -2.44 -34.01 1.03
CA ILE C 37 -3.20 -32.78 1.22
C ILE C 37 -2.41 -31.55 0.79
N ALA C 38 -1.09 -31.68 0.66
CA ALA C 38 -0.25 -30.54 0.30
C ALA C 38 -0.44 -30.16 -1.17
N CYS C 39 -0.07 -31.07 -2.08
CA CYS C 39 -0.12 -30.83 -3.52
C CYS C 39 -0.79 -31.99 -4.23
N ASN C 40 -1.84 -32.55 -3.61
CA ASN C 40 -2.50 -33.74 -4.14
C ASN C 40 -1.52 -34.90 -4.15
N GLY C 41 -1.97 -36.06 -4.58
CA GLY C 41 -1.12 -37.24 -4.60
C GLY C 41 -1.94 -38.50 -4.35
N SER C 42 -1.24 -39.54 -3.92
CA SER C 42 -1.86 -40.85 -3.71
C SER C 42 -3.12 -40.72 -2.85
N PRO C 43 -4.19 -41.44 -3.22
CA PRO C 43 -4.28 -42.45 -4.29
C PRO C 43 -4.41 -41.90 -5.71
N ASN C 44 -4.31 -40.59 -5.88
CA ASN C 44 -4.23 -40.00 -7.20
C ASN C 44 -2.78 -40.03 -7.70
N THR C 45 -2.63 -39.91 -9.02
CA THR C 45 -1.32 -39.81 -9.65
C THR C 45 -1.15 -38.40 -10.18
N VAL C 46 -0.12 -37.70 -9.70
CA VAL C 46 0.15 -36.31 -10.06
C VAL C 46 1.35 -36.27 -10.99
N ALA C 47 1.21 -35.58 -12.11
CA ALA C 47 2.30 -35.45 -13.06
C ALA C 47 3.22 -34.31 -12.66
N SER C 48 4.51 -34.50 -12.91
CA SER C 48 5.48 -33.45 -12.68
C SER C 48 5.57 -32.55 -13.91
N THR C 49 6.23 -31.41 -13.74
CA THR C 49 6.38 -30.45 -14.82
C THR C 49 7.61 -29.59 -14.54
N SER C 50 8.39 -29.32 -15.58
CA SER C 50 9.62 -28.56 -15.43
C SER C 50 9.43 -27.06 -15.57
N LYS C 51 8.27 -26.62 -16.04
CA LYS C 51 8.04 -25.18 -16.25
C LYS C 51 7.88 -24.48 -14.91
N VAL C 52 8.61 -23.37 -14.74
CA VAL C 52 8.43 -22.48 -13.60
C VAL C 52 8.00 -21.13 -14.14
N ILE C 53 6.88 -20.62 -13.64
CA ILE C 53 6.19 -19.49 -14.25
C ILE C 53 6.64 -18.20 -13.56
N THR C 54 7.14 -17.26 -14.37
CA THR C 54 7.54 -15.95 -13.84
C THR C 54 6.31 -15.13 -13.49
N VAL C 55 6.32 -14.54 -12.29
CA VAL C 55 5.23 -13.69 -11.83
C VAL C 55 5.84 -12.51 -11.10
N GLN C 56 5.37 -11.30 -11.42
CA GLN C 56 5.82 -10.11 -10.72
C GLN C 56 5.03 -9.96 -9.42
N ALA C 57 5.75 -9.88 -8.30
CA ALA C 57 5.11 -9.70 -7.01
C ALA C 57 4.14 -8.51 -7.05
N GLY C 58 3.02 -8.67 -6.35
CA GLY C 58 2.01 -7.63 -6.31
C GLY C 58 0.92 -7.75 -7.36
N THR C 59 1.11 -8.60 -8.36
CA THR C 59 0.11 -8.80 -9.40
C THR C 59 -0.65 -10.08 -9.15
N ASN C 60 -1.63 -10.35 -9.99
CA ASN C 60 -2.53 -11.48 -9.81
C ASN C 60 -2.21 -12.59 -10.79
N VAL C 61 -2.38 -13.83 -10.32
CA VAL C 61 -2.48 -14.99 -11.18
C VAL C 61 -3.90 -15.52 -11.04
N THR C 62 -4.34 -16.27 -12.04
CA THR C 62 -5.69 -16.83 -12.05
C THR C 62 -5.58 -18.33 -12.28
N ALA C 63 -5.95 -19.10 -11.25
CA ALA C 63 -6.06 -20.54 -11.41
C ALA C 63 -7.32 -20.86 -12.21
N ILE C 64 -7.18 -21.78 -13.17
CA ILE C 64 -8.27 -22.14 -14.08
C ILE C 64 -8.70 -23.56 -13.73
N TRP C 65 -9.90 -23.69 -13.17
CA TRP C 65 -10.42 -24.97 -12.71
C TRP C 65 -11.31 -25.59 -13.79
N ARG C 66 -11.11 -26.89 -14.03
CA ARG C 66 -11.86 -27.62 -15.03
C ARG C 66 -12.26 -28.98 -14.46
N TYR C 67 -13.34 -29.53 -15.03
CA TYR C 67 -13.83 -30.83 -14.58
C TYR C 67 -12.79 -31.92 -14.79
N MET C 68 -12.17 -31.96 -15.98
CA MET C 68 -11.15 -32.94 -16.30
C MET C 68 -10.11 -32.29 -17.18
N LEU C 69 -8.99 -33.00 -17.38
CA LEU C 69 -7.94 -32.48 -18.25
C LEU C 69 -8.39 -32.37 -19.70
N SER C 70 -9.40 -33.15 -20.11
CA SER C 70 -9.92 -33.10 -21.47
C SER C 70 -11.02 -32.07 -21.66
N THR C 71 -11.46 -31.40 -20.58
CA THR C 71 -12.54 -30.43 -20.70
C THR C 71 -12.10 -29.24 -21.54
N THR C 72 -12.98 -28.82 -22.45
CA THR C 72 -12.69 -27.72 -23.36
C THR C 72 -13.53 -26.47 -23.10
N GLY C 73 -14.74 -26.62 -22.58
CA GLY C 73 -15.61 -25.49 -22.33
C GLY C 73 -15.32 -24.85 -20.99
N ASP C 74 -16.21 -23.90 -20.62
CA ASP C 74 -16.09 -23.23 -19.34
C ASP C 74 -17.44 -22.93 -18.71
N SER C 75 -18.48 -23.67 -19.07
N SER C 75 -18.48 -23.67 -19.07
CA SER C 75 -19.77 -23.53 -18.41
CA SER C 75 -19.77 -23.54 -18.42
C SER C 75 -19.69 -24.12 -17.01
C SER C 75 -19.70 -24.15 -17.02
N PRO C 76 -20.69 -23.87 -16.16
CA PRO C 76 -20.65 -24.44 -14.80
C PRO C 76 -20.36 -25.93 -14.76
N ALA C 77 -20.96 -26.72 -15.65
CA ALA C 77 -20.70 -28.16 -15.65
C ALA C 77 -19.26 -28.47 -16.04
N ASP C 78 -18.62 -27.58 -16.80
CA ASP C 78 -17.23 -27.78 -17.21
C ASP C 78 -16.22 -27.44 -16.13
N VAL C 79 -16.67 -26.99 -14.96
CA VAL C 79 -15.80 -26.64 -13.85
C VAL C 79 -15.96 -27.60 -12.69
N MET C 80 -17.14 -27.64 -12.07
CA MET C 80 -17.42 -28.50 -10.94
C MET C 80 -18.92 -28.55 -10.72
N ASP C 81 -19.40 -29.69 -10.24
CA ASP C 81 -20.82 -29.84 -10.00
C ASP C 81 -21.31 -28.79 -9.00
N SER C 82 -22.48 -28.21 -9.28
N SER C 82 -22.47 -28.21 -9.29
CA SER C 82 -23.01 -27.13 -8.48
CA SER C 82 -23.00 -27.11 -8.47
C SER C 82 -23.26 -27.54 -7.04
C SER C 82 -23.31 -27.54 -7.05
N SER C 83 -23.38 -28.84 -6.76
CA SER C 83 -23.58 -29.28 -5.39
C SER C 83 -22.37 -29.01 -4.50
N HIS C 84 -21.19 -28.83 -5.10
CA HIS C 84 -19.93 -28.74 -4.36
C HIS C 84 -19.74 -27.32 -3.81
N LYS C 85 -20.60 -26.98 -2.85
CA LYS C 85 -20.49 -25.69 -2.18
C LYS C 85 -19.37 -25.72 -1.15
N GLY C 86 -18.61 -24.63 -1.10
CA GLY C 86 -17.55 -24.50 -0.14
C GLY C 86 -16.58 -23.38 -0.47
N PRO C 87 -15.49 -23.31 0.27
CA PRO C 87 -14.53 -22.21 0.08
C PRO C 87 -13.52 -22.49 -1.03
N THR C 88 -12.93 -21.40 -1.51
CA THR C 88 -11.72 -21.45 -2.32
C THR C 88 -10.59 -20.80 -1.54
N ILE C 89 -9.39 -21.36 -1.66
CA ILE C 89 -8.26 -20.93 -0.86
C ILE C 89 -7.00 -21.05 -1.70
N ALA C 90 -5.98 -20.25 -1.38
CA ALA C 90 -4.70 -20.31 -2.06
C ALA C 90 -3.58 -20.04 -1.07
N TYR C 91 -2.45 -20.75 -1.24
CA TYR C 91 -1.29 -20.64 -0.37
C TYR C 91 -0.02 -20.51 -1.20
N LEU C 92 1.02 -19.98 -0.58
CA LEU C 92 2.36 -19.98 -1.14
C LEU C 92 3.31 -20.69 -0.19
N LYS C 93 4.37 -21.27 -0.76
CA LYS C 93 5.44 -21.88 0.01
C LYS C 93 6.76 -21.59 -0.69
N LYS C 94 7.65 -20.90 -0.01
CA LYS C 94 8.99 -20.64 -0.54
C LYS C 94 9.79 -21.93 -0.56
N VAL C 95 10.39 -22.25 -1.71
CA VAL C 95 11.17 -23.46 -1.89
C VAL C 95 12.43 -23.13 -2.68
N ASP C 96 13.40 -24.04 -2.63
CA ASP C 96 14.65 -23.85 -3.36
C ASP C 96 14.46 -24.01 -4.87
N ASN C 97 13.73 -25.05 -5.27
CA ASN C 97 13.51 -25.34 -6.68
C ASN C 97 12.04 -25.73 -6.85
N ALA C 98 11.26 -24.85 -7.49
CA ALA C 98 9.83 -25.08 -7.62
C ALA C 98 9.51 -26.26 -8.53
N ALA C 99 10.47 -26.72 -9.33
CA ALA C 99 10.23 -27.85 -10.21
C ALA C 99 10.44 -29.19 -9.52
N THR C 100 11.12 -29.22 -8.38
CA THR C 100 11.42 -30.47 -7.68
C THR C 100 10.97 -30.49 -6.22
N ALA C 101 10.71 -29.34 -5.60
CA ALA C 101 10.30 -29.33 -4.21
C ALA C 101 8.97 -30.06 -4.03
N SER C 102 8.85 -30.79 -2.91
CA SER C 102 7.70 -31.65 -2.70
C SER C 102 6.48 -30.87 -2.23
N GLY C 103 6.66 -29.88 -1.38
CA GLY C 103 5.56 -29.14 -0.81
C GLY C 103 5.03 -29.70 0.50
N VAL C 104 5.37 -30.94 0.83
CA VAL C 104 4.99 -31.51 2.11
C VAL C 104 5.75 -30.80 3.23
N GLY C 105 5.04 -30.48 4.30
CA GLY C 105 5.67 -29.92 5.49
C GLY C 105 5.34 -28.44 5.68
N ASN C 106 6.21 -27.78 6.44
CA ASN C 106 6.03 -26.41 6.87
C ASN C 106 6.37 -25.44 5.74
N GLY C 107 6.00 -24.17 5.94
CA GLY C 107 6.36 -23.10 5.02
C GLY C 107 5.20 -22.50 4.26
N TRP C 108 3.99 -23.02 4.44
CA TRP C 108 2.82 -22.49 3.73
C TRP C 108 2.26 -21.29 4.45
N PHE C 109 1.84 -20.28 3.68
CA PHE C 109 1.08 -19.17 4.22
C PHE C 109 -0.05 -18.81 3.25
N LYS C 110 -1.20 -18.52 3.82
CA LYS C 110 -2.41 -18.25 3.03
C LYS C 110 -2.35 -16.85 2.42
N ILE C 111 -2.74 -16.75 1.15
CA ILE C 111 -2.77 -15.47 0.46
C ILE C 111 -4.12 -15.14 -0.14
N GLN C 112 -5.09 -16.06 -0.07
CA GLN C 112 -6.43 -15.80 -0.59
C GLN C 112 -7.41 -16.79 0.03
N GLN C 113 -8.63 -16.33 0.27
CA GLN C 113 -9.70 -17.23 0.67
C GLN C 113 -11.04 -16.58 0.36
N ASP C 114 -12.04 -17.43 0.14
CA ASP C 114 -13.38 -16.98 -0.25
C ASP C 114 -14.35 -18.05 0.28
N GLY C 115 -14.96 -17.77 1.42
CA GLY C 115 -15.84 -18.73 2.06
C GLY C 115 -17.28 -18.57 1.66
N MET C 116 -18.12 -18.15 2.59
CA MET C 116 -19.53 -17.89 2.34
C MET C 116 -19.83 -16.45 2.70
N ASP C 117 -20.50 -15.73 1.79
CA ASP C 117 -20.83 -14.34 2.00
C ASP C 117 -22.19 -14.22 2.69
N SER C 118 -22.61 -12.96 2.92
CA SER C 118 -23.86 -12.72 3.63
C SER C 118 -25.07 -13.24 2.85
N SER C 119 -24.98 -13.29 1.53
CA SER C 119 -26.07 -13.82 0.71
C SER C 119 -26.13 -15.35 0.74
N GLY C 120 -25.21 -16.01 1.44
CA GLY C 120 -25.16 -17.46 1.44
C GLY C 120 -24.55 -18.08 0.21
N VAL C 121 -23.72 -17.33 -0.52
CA VAL C 121 -23.06 -17.81 -1.72
C VAL C 121 -21.63 -18.19 -1.37
N TRP C 122 -21.16 -19.30 -1.93
CA TRP C 122 -19.88 -19.86 -1.58
C TRP C 122 -18.82 -19.54 -2.62
N GLY C 123 -17.55 -19.61 -2.19
CA GLY C 123 -16.45 -19.33 -3.10
C GLY C 123 -16.42 -20.24 -4.30
N THR C 124 -16.70 -21.54 -4.09
CA THR C 124 -16.72 -22.47 -5.20
C THR C 124 -17.75 -22.08 -6.26
N GLU C 125 -18.86 -21.49 -5.83
CA GLU C 125 -19.92 -21.12 -6.78
C GLU C 125 -19.50 -19.92 -7.63
N ARG C 126 -18.74 -19.00 -7.07
CA ARG C 126 -18.18 -17.91 -7.87
C ARG C 126 -17.21 -18.45 -8.92
N VAL C 127 -16.48 -19.52 -8.60
CA VAL C 127 -15.57 -20.12 -9.56
C VAL C 127 -16.34 -20.93 -10.60
N ILE C 128 -17.32 -21.72 -10.15
CA ILE C 128 -18.10 -22.54 -11.07
C ILE C 128 -18.85 -21.67 -12.07
N ASN C 129 -19.37 -20.53 -11.61
CA ASN C 129 -20.15 -19.64 -12.45
C ASN C 129 -19.31 -18.49 -13.01
N GLY C 130 -17.99 -18.53 -12.80
CA GLY C 130 -17.10 -17.53 -13.36
C GLY C 130 -16.07 -18.15 -14.29
N LYS C 131 -16.50 -19.13 -15.09
CA LYS C 131 -15.64 -19.76 -16.08
C LYS C 131 -14.44 -20.46 -15.43
N GLY C 132 -14.59 -20.87 -14.17
CA GLY C 132 -13.52 -21.57 -13.48
C GLY C 132 -12.36 -20.71 -13.07
N ARG C 133 -12.53 -19.39 -13.05
CA ARG C 133 -11.44 -18.47 -12.79
C ARG C 133 -11.33 -18.20 -11.29
N HIS C 134 -10.13 -18.39 -10.74
CA HIS C 134 -9.85 -18.27 -9.31
C HIS C 134 -8.70 -17.27 -9.18
N SER C 135 -9.02 -16.00 -8.98
CA SER C 135 -8.03 -14.94 -9.02
C SER C 135 -7.32 -14.82 -7.67
N ILE C 136 -5.99 -14.72 -7.72
CA ILE C 136 -5.14 -14.78 -6.53
C ILE C 136 -4.08 -13.70 -6.64
N LYS C 137 -3.95 -12.88 -5.61
CA LYS C 137 -2.95 -11.81 -5.59
C LYS C 137 -1.66 -12.31 -4.97
N ILE C 138 -0.57 -12.21 -5.71
CA ILE C 138 0.76 -12.53 -5.17
C ILE C 138 1.22 -11.33 -4.36
N PRO C 139 1.48 -11.48 -3.05
CA PRO C 139 1.86 -10.30 -2.24
C PRO C 139 3.11 -9.63 -2.78
N GLU C 140 3.12 -8.31 -2.69
CA GLU C 140 4.24 -7.53 -3.19
C GLU C 140 5.43 -7.53 -2.23
N CYS C 141 5.17 -7.73 -0.94
CA CYS C 141 6.16 -7.48 0.10
C CYS C 141 6.94 -8.73 0.51
N ILE C 142 6.69 -9.87 -0.12
CA ILE C 142 7.39 -11.10 0.25
C ILE C 142 8.73 -11.18 -0.48
N ALA C 143 9.57 -12.11 -0.06
CA ALA C 143 10.87 -12.29 -0.69
C ALA C 143 10.70 -12.85 -2.10
N PRO C 144 11.56 -12.47 -3.03
CA PRO C 144 11.49 -13.04 -4.39
C PRO C 144 12.06 -14.44 -4.42
N GLY C 145 11.77 -15.15 -5.51
CA GLY C 145 12.37 -16.45 -5.76
C GLY C 145 11.33 -17.49 -6.07
N GLN C 146 11.71 -18.75 -5.86
CA GLN C 146 10.88 -19.89 -6.22
C GLN C 146 9.82 -20.15 -5.17
N TYR C 147 8.59 -20.38 -5.62
CA TYR C 147 7.47 -20.67 -4.74
C TYR C 147 6.61 -21.77 -5.34
N LEU C 148 5.96 -22.53 -4.47
CA LEU C 148 4.83 -23.36 -4.85
C LEU C 148 3.55 -22.61 -4.53
N LEU C 149 2.59 -22.65 -5.45
CA LEU C 149 1.28 -22.04 -5.28
C LEU C 149 0.26 -23.15 -5.16
N ARG C 150 -0.36 -23.27 -4.00
CA ARG C 150 -1.37 -24.30 -3.73
C ARG C 150 -2.74 -23.65 -3.77
N ALA C 151 -3.49 -23.91 -4.85
CA ALA C 151 -4.86 -23.42 -4.98
C ALA C 151 -5.83 -24.55 -4.69
N GLU C 152 -6.89 -24.24 -3.94
CA GLU C 152 -7.73 -25.28 -3.36
C GLU C 152 -9.19 -24.88 -3.41
N MET C 153 -10.04 -25.87 -3.70
CA MET C 153 -11.48 -25.76 -3.53
C MET C 153 -11.93 -26.92 -2.66
N ILE C 154 -12.66 -26.61 -1.58
CA ILE C 154 -13.15 -27.63 -0.65
C ILE C 154 -14.66 -27.73 -0.83
N ALA C 155 -15.13 -28.92 -1.22
CA ALA C 155 -16.56 -29.17 -1.33
C ALA C 155 -17.08 -29.69 0.00
N LEU C 156 -18.15 -29.09 0.51
CA LEU C 156 -18.69 -29.39 1.82
C LEU C 156 -20.07 -30.04 1.77
N HIS C 157 -20.53 -30.41 0.57
CA HIS C 157 -21.88 -30.97 0.43
C HIS C 157 -22.06 -32.24 1.25
N ALA C 158 -20.98 -32.98 1.49
CA ALA C 158 -21.03 -34.25 2.20
C ALA C 158 -20.12 -34.21 3.43
N ALA C 159 -20.05 -33.06 4.10
CA ALA C 159 -19.08 -32.83 5.17
C ALA C 159 -19.72 -32.83 6.55
N SER C 160 -20.93 -33.38 6.70
CA SER C 160 -21.58 -33.38 8.00
C SER C 160 -20.72 -34.07 9.05
N ASN C 161 -20.02 -35.14 8.67
CA ASN C 161 -19.05 -35.81 9.53
C ASN C 161 -17.69 -35.83 8.84
N TYR C 162 -16.67 -36.18 9.61
CA TYR C 162 -15.33 -36.36 9.05
C TYR C 162 -14.92 -37.83 9.16
N PRO C 163 -14.39 -38.42 8.07
CA PRO C 163 -14.17 -37.81 6.76
C PRO C 163 -15.46 -37.53 6.00
N GLY C 164 -15.46 -36.47 5.20
CA GLY C 164 -16.60 -36.11 4.39
C GLY C 164 -16.31 -34.92 3.50
N ALA C 165 -15.60 -33.93 4.06
CA ALA C 165 -15.14 -32.81 3.26
C ALA C 165 -14.25 -33.31 2.14
N GLN C 166 -14.35 -32.67 0.98
CA GLN C 166 -13.60 -33.06 -0.21
C GLN C 166 -12.64 -31.94 -0.58
N PHE C 167 -11.34 -32.24 -0.53
CA PHE C 167 -10.30 -31.25 -0.77
C PHE C 167 -9.72 -31.45 -2.17
N TYR C 168 -9.90 -30.45 -3.04
CA TYR C 168 -9.33 -30.45 -4.38
C TYR C 168 -8.24 -29.40 -4.42
N MET C 169 -7.00 -29.83 -4.64
CA MET C 169 -5.88 -28.91 -4.72
C MET C 169 -4.88 -29.36 -5.77
N GLU C 170 -4.21 -28.39 -6.37
CA GLU C 170 -3.03 -28.63 -7.19
C GLU C 170 -2.04 -27.50 -6.91
N CYS C 171 -0.77 -27.79 -7.19
CA CYS C 171 0.31 -26.85 -6.90
C CYS C 171 0.93 -26.36 -8.20
N ALA C 172 1.03 -25.04 -8.33
CA ALA C 172 1.72 -24.41 -9.45
C ALA C 172 3.14 -24.02 -9.01
N GLN C 173 4.01 -23.84 -10.00
CA GLN C 173 5.42 -23.58 -9.77
C GLN C 173 5.74 -22.19 -10.27
N LEU C 174 6.16 -21.31 -9.36
CA LEU C 174 6.31 -19.90 -9.65
C LEU C 174 7.73 -19.41 -9.39
N ASN C 175 8.15 -18.43 -10.17
CA ASN C 175 9.35 -17.63 -9.89
C ASN C 175 8.86 -16.21 -9.64
N VAL C 176 8.81 -15.82 -8.37
CA VAL C 176 8.30 -14.51 -7.98
C VAL C 176 9.45 -13.51 -8.07
N VAL C 177 9.28 -12.48 -8.90
CA VAL C 177 10.31 -11.50 -9.15
C VAL C 177 9.81 -10.14 -8.70
N GLY C 178 10.73 -9.30 -8.23
CA GLY C 178 10.41 -7.98 -7.75
C GLY C 178 9.89 -7.92 -6.33
N GLY C 179 9.78 -9.06 -5.65
CA GLY C 179 9.34 -9.07 -4.27
C GLY C 179 10.24 -8.23 -3.38
N THR C 180 9.65 -7.33 -2.60
CA THR C 180 10.45 -6.42 -1.79
C THR C 180 11.10 -7.12 -0.60
N GLY C 181 10.62 -8.31 -0.23
CA GLY C 181 11.16 -9.01 0.92
C GLY C 181 11.06 -8.24 2.22
N ALA C 182 10.14 -7.29 2.33
CA ALA C 182 9.99 -6.50 3.53
C ALA C 182 9.24 -7.23 4.63
N LYS C 183 8.49 -8.28 4.30
CA LYS C 183 7.72 -9.03 5.28
C LYS C 183 7.97 -10.52 5.12
N THR C 184 8.11 -11.20 6.27
CA THR C 184 8.26 -12.64 6.31
C THR C 184 7.00 -13.24 6.90
N PRO C 185 6.18 -13.97 6.14
CA PRO C 185 4.96 -14.53 6.70
C PRO C 185 5.25 -15.60 7.75
N SER C 186 4.35 -15.70 8.73
CA SER C 186 4.28 -16.90 9.55
C SER C 186 3.64 -18.02 8.74
N THR C 187 4.03 -19.25 9.03
CA THR C 187 3.72 -20.38 8.16
C THR C 187 3.05 -21.51 8.93
N VAL C 188 2.40 -22.38 8.17
CA VAL C 188 1.80 -23.61 8.67
C VAL C 188 2.28 -24.77 7.81
N SER C 189 1.84 -25.97 8.16
CA SER C 189 2.29 -27.18 7.49
C SER C 189 1.11 -27.89 6.81
N PHE C 190 1.40 -28.53 5.69
CA PHE C 190 0.47 -29.47 5.07
C PHE C 190 1.17 -30.83 4.93
N PRO C 191 0.67 -31.86 5.63
CA PRO C 191 -0.48 -31.86 6.54
C PRO C 191 -0.19 -31.12 7.85
N GLY C 192 -1.24 -30.73 8.56
CA GLY C 192 -1.09 -30.07 9.84
C GLY C 192 -2.03 -28.90 10.02
N ALA C 193 -2.16 -28.06 8.99
CA ALA C 193 -2.96 -26.85 9.11
C ALA C 193 -4.44 -27.16 9.26
N TYR C 194 -4.91 -28.26 8.67
CA TYR C 194 -6.31 -28.66 8.75
C TYR C 194 -6.46 -29.83 9.72
N SER C 195 -7.54 -29.81 10.48
CA SER C 195 -7.90 -30.92 11.35
C SER C 195 -9.31 -31.36 11.04
N GLY C 196 -9.56 -32.66 11.21
CA GLY C 196 -10.88 -33.21 10.92
C GLY C 196 -11.99 -32.63 11.76
N SER C 197 -11.67 -31.95 12.86
CA SER C 197 -12.67 -31.35 13.72
C SER C 197 -12.80 -29.85 13.53
N ASP C 198 -12.08 -29.27 12.58
CA ASP C 198 -12.20 -27.83 12.33
C ASP C 198 -13.66 -27.48 12.02
N PRO C 199 -14.15 -26.33 12.48
CA PRO C 199 -15.55 -25.98 12.19
C PRO C 199 -15.82 -25.75 10.72
N GLY C 200 -14.80 -25.57 9.90
CA GLY C 200 -14.95 -25.45 8.47
C GLY C 200 -14.74 -26.74 7.71
N VAL C 201 -14.36 -27.82 8.40
CA VAL C 201 -14.15 -29.13 7.78
C VAL C 201 -15.31 -30.07 8.05
N LYS C 202 -15.69 -30.20 9.32
CA LYS C 202 -16.87 -30.97 9.72
C LYS C 202 -18.01 -29.98 9.95
N ILE C 203 -19.00 -30.02 9.07
CA ILE C 203 -20.04 -28.99 9.07
C ILE C 203 -21.20 -29.42 8.19
N SER C 204 -22.42 -29.19 8.66
N SER C 204 -22.42 -29.18 8.66
CA SER C 204 -23.62 -29.42 7.88
CA SER C 204 -23.64 -29.41 7.89
C SER C 204 -24.07 -28.09 7.28
C SER C 204 -24.05 -28.07 7.29
N ILE C 205 -23.86 -27.92 5.98
CA ILE C 205 -24.17 -26.66 5.30
C ILE C 205 -25.65 -26.60 4.97
N TYR C 206 -26.45 -27.50 5.55
CA TYR C 206 -27.88 -27.56 5.26
C TYR C 206 -28.75 -27.36 6.49
N TRP C 207 -28.42 -27.97 7.63
CA TRP C 207 -29.17 -27.66 8.84
C TRP C 207 -28.34 -27.73 10.14
N PRO C 208 -28.45 -26.70 10.99
CA PRO C 208 -29.24 -25.49 10.74
C PRO C 208 -28.48 -24.58 9.79
N PRO C 209 -29.19 -23.78 8.97
CA PRO C 209 -28.51 -22.92 8.00
C PRO C 209 -27.26 -22.27 8.55
N VAL C 210 -26.29 -22.05 7.67
CA VAL C 210 -24.99 -21.51 8.06
C VAL C 210 -25.09 -19.98 8.09
N THR C 211 -24.81 -19.39 9.26
CA THR C 211 -24.78 -17.94 9.37
C THR C 211 -23.39 -17.38 9.08
N SER C 212 -22.34 -18.04 9.57
CA SER C 212 -20.98 -17.63 9.28
C SER C 212 -20.10 -18.86 9.20
N TYR C 213 -19.28 -18.93 8.15
CA TYR C 213 -18.39 -20.06 7.90
C TYR C 213 -16.96 -19.63 8.19
N THR C 214 -16.22 -20.48 8.91
CA THR C 214 -14.82 -20.22 9.23
C THR C 214 -13.96 -21.04 8.28
N VAL C 215 -13.29 -20.36 7.35
CA VAL C 215 -12.40 -21.05 6.43
C VAL C 215 -11.28 -21.72 7.22
N PRO C 216 -10.99 -23.00 7.02
CA PRO C 216 -9.89 -23.62 7.77
C PRO C 216 -8.55 -23.02 7.37
N GLY C 217 -7.57 -23.23 8.25
CA GLY C 217 -6.23 -22.75 8.02
C GLY C 217 -5.96 -21.44 8.73
N PRO C 218 -4.77 -20.90 8.54
CA PRO C 218 -4.43 -19.60 9.15
C PRO C 218 -5.16 -18.47 8.47
N SER C 219 -5.03 -17.28 9.04
CA SER C 219 -5.62 -16.11 8.42
C SER C 219 -4.76 -15.65 7.24
N VAL C 220 -5.37 -14.87 6.37
CA VAL C 220 -4.70 -14.45 5.13
C VAL C 220 -3.54 -13.53 5.46
N PHE C 221 -2.38 -13.81 4.87
CA PHE C 221 -1.25 -12.89 4.95
C PHE C 221 -1.48 -11.70 4.03
N THR C 222 -1.24 -10.51 4.55
CA THR C 222 -1.42 -9.28 3.79
C THR C 222 -0.22 -8.37 4.00
N CYS C 223 0.07 -7.55 2.99
CA CYS C 223 1.16 -6.60 3.06
C CYS C 223 0.72 -5.32 3.76
N HIS D 1 -3.03 18.91 36.14
CA HIS D 1 -2.14 18.80 34.99
C HIS D 1 -1.56 17.39 34.90
N THR D 2 -1.95 16.67 33.84
CA THR D 2 -1.66 15.25 33.72
C THR D 2 -1.96 14.81 32.29
N ILE D 3 -1.47 13.64 31.93
CA ILE D 3 -1.66 13.08 30.59
C ILE D 3 -1.83 11.57 30.68
N PHE D 4 -2.91 11.07 30.11
CA PHE D 4 -3.07 9.65 29.81
C PHE D 4 -2.19 9.37 28.60
N SER D 5 -0.97 8.87 28.83
CA SER D 5 0.05 8.80 27.79
C SER D 5 0.36 7.38 27.34
N SER D 6 -0.13 6.35 28.04
CA SER D 6 0.07 4.98 27.58
C SER D 6 -1.03 4.11 28.16
N LEU D 7 -1.30 3.01 27.46
CA LEU D 7 -2.32 2.05 27.86
C LEU D 7 -1.66 0.71 28.12
N GLU D 8 -2.01 0.10 29.26
CA GLU D 8 -1.52 -1.23 29.62
C GLU D 8 -2.61 -2.25 29.32
N VAL D 9 -2.25 -3.28 28.56
CA VAL D 9 -3.19 -4.32 28.14
C VAL D 9 -2.55 -5.67 28.40
N ASN D 10 -3.21 -6.50 29.21
CA ASN D 10 -2.70 -7.83 29.54
C ASN D 10 -1.32 -7.73 30.20
N GLY D 11 -1.16 -6.75 31.09
CA GLY D 11 0.08 -6.59 31.82
C GLY D 11 1.24 -6.02 31.03
N VAL D 12 1.03 -5.65 29.77
CA VAL D 12 2.06 -5.09 28.92
C VAL D 12 1.69 -3.64 28.61
N ASN D 13 2.61 -2.73 28.89
CA ASN D 13 2.44 -1.36 28.45
C ASN D 13 2.67 -1.28 26.95
N GLN D 14 1.80 -0.54 26.27
CA GLN D 14 1.82 -0.50 24.82
C GLN D 14 2.70 0.60 24.25
N GLY D 15 3.41 1.34 25.09
CA GLY D 15 4.38 2.32 24.62
C GLY D 15 3.89 3.75 24.78
N LEU D 16 4.81 4.63 25.16
CA LEU D 16 4.49 6.04 25.33
C LEU D 16 3.94 6.61 24.02
N GLY D 17 2.70 7.08 24.07
CA GLY D 17 2.07 7.67 22.90
C GLY D 17 1.79 6.69 21.78
N GLU D 18 1.83 5.39 22.05
CA GLU D 18 1.61 4.36 21.02
C GLU D 18 0.19 3.83 21.16
N GLY D 19 -0.65 4.14 20.18
CA GLY D 19 -2.06 3.83 20.26
C GLY D 19 -2.86 4.77 21.14
N VAL D 20 -2.21 5.76 21.74
CA VAL D 20 -2.87 6.80 22.51
C VAL D 20 -2.51 8.13 21.89
N ARG D 21 -3.54 8.91 21.53
CA ARG D 21 -3.34 10.22 20.90
C ARG D 21 -3.01 11.21 22.00
N VAL D 22 -1.71 11.39 22.26
CA VAL D 22 -1.27 12.19 23.40
C VAL D 22 -1.12 13.64 22.97
N PRO D 23 -1.48 14.60 23.83
CA PRO D 23 -1.14 16.00 23.57
C PRO D 23 0.32 16.28 23.91
N THR D 24 0.82 17.38 23.35
CA THR D 24 2.16 17.82 23.68
C THR D 24 2.25 18.31 25.12
N TYR D 25 1.19 18.98 25.60
CA TYR D 25 1.20 19.62 26.91
C TYR D 25 0.10 19.04 27.79
N ASN D 26 0.30 19.16 29.11
CA ASN D 26 -0.56 18.51 30.09
C ASN D 26 -1.68 19.41 30.60
N GLY D 27 -1.92 20.55 29.97
CA GLY D 27 -2.93 21.48 30.42
C GLY D 27 -4.34 20.97 30.17
N PRO D 28 -5.31 21.49 30.92
CA PRO D 28 -6.69 21.01 30.79
C PRO D 28 -7.46 21.70 29.67
N ILE D 29 -8.52 21.02 29.24
CA ILE D 29 -9.63 21.65 28.53
C ILE D 29 -10.60 22.16 29.58
N GLU D 30 -11.12 23.38 29.36
CA GLU D 30 -12.08 23.97 30.28
C GLU D 30 -13.41 24.32 29.64
N ASP D 31 -13.49 24.37 28.31
CA ASP D 31 -14.72 24.70 27.60
C ASP D 31 -15.37 23.39 27.15
N VAL D 32 -16.44 22.98 27.84
CA VAL D 32 -17.10 21.72 27.53
C VAL D 32 -17.81 21.74 26.18
N THR D 33 -18.00 22.91 25.58
CA THR D 33 -18.61 23.00 24.26
C THR D 33 -17.59 22.94 23.14
N SER D 34 -16.30 22.93 23.46
CA SER D 34 -15.26 22.88 22.44
C SER D 34 -15.16 21.49 21.86
N ALA D 35 -14.85 21.42 20.55
CA ALA D 35 -14.54 20.15 19.93
C ALA D 35 -13.39 19.46 20.62
N SER D 36 -12.53 20.21 21.32
CA SER D 36 -11.39 19.63 22.02
C SER D 36 -11.80 18.76 23.19
N ILE D 37 -13.05 18.87 23.65
CA ILE D 37 -13.48 18.07 24.79
C ILE D 37 -13.54 16.59 24.46
N ALA D 38 -13.64 16.24 23.18
CA ALA D 38 -13.78 14.84 22.80
C ALA D 38 -12.49 14.06 23.02
N CYS D 39 -11.43 14.45 22.31
CA CYS D 39 -10.14 13.78 22.40
C CYS D 39 -9.00 14.77 22.61
N ASN D 40 -9.28 15.86 23.34
CA ASN D 40 -8.29 16.91 23.56
C ASN D 40 -8.03 17.64 22.24
N GLY D 41 -7.25 18.70 22.29
CA GLY D 41 -6.93 19.42 21.07
C GLY D 41 -6.61 20.87 21.37
N SER D 42 -6.92 21.72 20.39
CA SER D 42 -6.64 23.15 20.48
C SER D 42 -7.21 23.73 21.77
N PRO D 43 -6.46 24.64 22.43
CA PRO D 43 -5.17 25.21 22.05
C PRO D 43 -3.96 24.28 22.23
N ASN D 44 -4.20 23.06 22.71
CA ASN D 44 -3.16 22.05 22.76
C ASN D 44 -2.95 21.48 21.35
N THR D 45 -1.96 20.60 21.21
CA THR D 45 -1.68 19.94 19.94
C THR D 45 -1.57 18.44 20.18
N VAL D 46 -2.42 17.67 19.51
CA VAL D 46 -2.50 16.22 19.70
C VAL D 46 -1.78 15.53 18.54
N ALA D 47 -0.98 14.53 18.86
CA ALA D 47 -0.18 13.83 17.88
C ALA D 47 -0.91 12.58 17.38
N SER D 48 -0.75 12.29 16.09
CA SER D 48 -1.35 11.10 15.50
C SER D 48 -0.53 9.86 15.81
N THR D 49 -1.21 8.73 15.85
CA THR D 49 -0.57 7.44 16.06
C THR D 49 -1.31 6.39 15.25
N SER D 50 -0.55 5.52 14.58
CA SER D 50 -1.13 4.51 13.70
C SER D 50 -1.35 3.17 14.37
N LYS D 51 -0.89 3.00 15.61
CA LYS D 51 -1.04 1.73 16.30
C LYS D 51 -2.46 1.59 16.84
N VAL D 52 -3.09 0.45 16.57
CA VAL D 52 -4.38 0.09 17.13
C VAL D 52 -4.18 -1.12 18.04
N ILE D 53 -4.59 -0.98 19.30
CA ILE D 53 -4.28 -1.98 20.32
C ILE D 53 -5.41 -3.00 20.37
N THR D 54 -5.05 -4.27 20.27
CA THR D 54 -6.03 -5.36 20.36
C THR D 54 -6.32 -5.65 21.83
N VAL D 55 -7.60 -5.59 22.20
CA VAL D 55 -8.04 -5.88 23.56
C VAL D 55 -9.15 -6.92 23.50
N GLN D 56 -9.21 -7.75 24.54
CA GLN D 56 -10.24 -8.78 24.64
C GLN D 56 -11.47 -8.19 25.29
N ALA D 57 -12.61 -8.29 24.60
CA ALA D 57 -13.87 -7.87 25.20
C ALA D 57 -14.11 -8.62 26.50
N GLY D 58 -14.53 -7.89 27.54
CA GLY D 58 -14.74 -8.46 28.84
C GLY D 58 -13.55 -8.39 29.77
N THR D 59 -12.41 -7.93 29.30
CA THR D 59 -11.22 -7.77 30.14
C THR D 59 -11.05 -6.32 30.53
N ASN D 60 -10.07 -6.08 31.41
CA ASN D 60 -9.72 -4.74 31.84
C ASN D 60 -8.50 -4.24 31.09
N VAL D 61 -8.47 -2.93 30.85
CA VAL D 61 -7.26 -2.22 30.45
C VAL D 61 -6.98 -1.18 31.52
N THR D 62 -5.73 -0.75 31.60
CA THR D 62 -5.30 0.21 32.59
C THR D 62 -4.69 1.41 31.88
N ALA D 63 -5.35 2.56 31.98
CA ALA D 63 -4.79 3.81 31.51
C ALA D 63 -3.73 4.29 32.50
N ILE D 64 -2.60 4.71 31.96
CA ILE D 64 -1.44 5.11 32.77
C ILE D 64 -1.31 6.62 32.68
N TRP D 65 -1.62 7.30 33.78
CA TRP D 65 -1.57 8.76 33.82
C TRP D 65 -0.22 9.22 34.35
N ARG D 66 0.33 10.25 33.69
CA ARG D 66 1.62 10.81 34.06
C ARG D 66 1.53 12.33 34.01
N TYR D 67 2.41 12.98 34.77
CA TYR D 67 2.40 14.44 34.85
C TYR D 67 2.70 15.05 33.49
N MET D 68 3.81 14.65 32.87
CA MET D 68 4.21 15.13 31.55
C MET D 68 4.65 13.94 30.71
N LEU D 69 4.86 14.20 29.41
CA LEU D 69 5.28 13.12 28.52
C LEU D 69 6.64 12.57 28.90
N SER D 70 7.51 13.40 29.46
CA SER D 70 8.86 12.97 29.84
C SER D 70 8.92 12.29 31.20
N THR D 71 7.80 12.25 31.93
CA THR D 71 7.80 11.72 33.29
C THR D 71 8.18 10.25 33.29
N THR D 72 9.11 9.89 34.18
CA THR D 72 9.57 8.51 34.30
C THR D 72 9.04 7.80 35.54
N GLY D 73 8.88 8.51 36.65
CA GLY D 73 8.42 7.90 37.88
C GLY D 73 6.92 7.66 37.89
N ASP D 74 6.45 7.12 39.02
CA ASP D 74 5.03 6.89 39.22
C ASP D 74 4.58 7.26 40.65
N SER D 75 5.33 8.11 41.35
CA SER D 75 4.90 8.60 42.64
C SER D 75 3.77 9.61 42.44
N PRO D 76 3.05 9.95 43.52
CA PRO D 76 1.93 10.91 43.36
C PRO D 76 2.30 12.15 42.56
N ALA D 77 3.41 12.80 42.87
CA ALA D 77 3.81 14.00 42.13
C ALA D 77 4.09 13.70 40.66
N ASP D 78 4.37 12.44 40.33
CA ASP D 78 4.60 12.03 38.94
C ASP D 78 3.31 11.76 38.19
N VAL D 79 2.15 11.85 38.84
CA VAL D 79 0.87 11.59 38.20
C VAL D 79 0.10 12.89 38.05
N MET D 80 -0.27 13.50 39.17
CA MET D 80 -1.03 14.74 39.17
C MET D 80 -1.02 15.32 40.58
N ASP D 81 -1.07 16.64 40.66
CA ASP D 81 -1.00 17.31 41.95
C ASP D 81 -2.18 16.90 42.83
N SER D 82 -1.90 16.72 44.13
N SER D 82 -1.89 16.73 44.13
CA SER D 82 -2.91 16.22 45.05
CA SER D 82 -2.89 16.25 45.08
C SER D 82 -4.07 17.19 45.27
C SER D 82 -4.10 17.16 45.17
N SER D 83 -3.97 18.43 44.79
CA SER D 83 -5.11 19.34 44.87
C SER D 83 -6.22 18.93 43.92
N HIS D 84 -5.88 18.22 42.85
CA HIS D 84 -6.81 17.95 41.75
C HIS D 84 -7.76 16.81 42.10
N LYS D 85 -8.64 17.09 43.06
CA LYS D 85 -9.66 16.12 43.44
C LYS D 85 -10.78 16.12 42.40
N GLY D 86 -11.30 14.92 42.10
CA GLY D 86 -12.38 14.79 41.16
C GLY D 86 -12.56 13.37 40.67
N PRO D 87 -13.43 13.19 39.67
CA PRO D 87 -13.74 11.85 39.17
C PRO D 87 -12.80 11.39 38.07
N THR D 88 -12.70 10.06 37.94
CA THR D 88 -12.15 9.42 36.76
C THR D 88 -13.30 8.79 35.98
N ILE D 89 -13.17 8.78 34.65
CA ILE D 89 -14.24 8.33 33.77
C ILE D 89 -13.59 7.72 32.53
N ALA D 90 -14.33 6.82 31.88
CA ALA D 90 -13.89 6.25 30.61
C ALA D 90 -15.10 5.99 29.72
N TYR D 91 -14.92 6.25 28.42
CA TYR D 91 -15.95 6.05 27.42
C TYR D 91 -15.39 5.24 26.26
N LEU D 92 -16.29 4.64 25.49
CA LEU D 92 -15.96 3.99 24.24
C LEU D 92 -16.82 4.56 23.12
N LYS D 93 -16.30 4.52 21.91
N LYS D 93 -16.30 4.50 21.90
CA LYS D 93 -17.01 4.98 20.72
CA LYS D 93 -17.02 4.98 20.73
C LYS D 93 -16.67 4.07 19.55
C LYS D 93 -16.67 4.08 19.54
N LYS D 94 -17.68 3.45 18.96
CA LYS D 94 -17.47 2.60 17.80
C LYS D 94 -17.13 3.46 16.59
N VAL D 95 -16.03 3.12 15.91
CA VAL D 95 -15.59 3.83 14.72
C VAL D 95 -15.17 2.79 13.68
N ASP D 96 -15.08 3.24 12.43
CA ASP D 96 -14.67 2.34 11.35
C ASP D 96 -13.16 2.17 11.32
N ASN D 97 -12.40 3.22 11.65
CA ASN D 97 -10.94 3.16 11.67
C ASN D 97 -10.46 3.93 12.90
N ALA D 98 -10.01 3.20 13.91
CA ALA D 98 -9.57 3.83 15.15
C ALA D 98 -8.33 4.69 14.97
N ALA D 99 -7.59 4.51 13.88
CA ALA D 99 -6.38 5.30 13.65
C ALA D 99 -6.66 6.63 12.98
N THR D 100 -7.82 6.81 12.35
CA THR D 100 -8.14 8.04 11.62
C THR D 100 -9.45 8.68 12.01
N ALA D 101 -10.28 8.04 12.84
CA ALA D 101 -11.56 8.62 13.22
C ALA D 101 -11.37 9.79 14.18
N SER D 102 -12.30 10.74 14.19
N SER D 102 -12.13 10.85 13.89
CA SER D 102 -12.06 12.05 14.80
CA SER D 102 -12.35 11.95 14.79
C SER D 102 -12.38 12.17 16.30
C SER D 102 -13.36 11.52 15.83
N GLY D 103 -12.86 11.13 16.98
CA GLY D 103 -13.56 11.24 18.25
C GLY D 103 -14.77 12.17 18.35
N VAL D 104 -14.80 13.30 17.64
CA VAL D 104 -15.85 14.29 17.84
C VAL D 104 -17.19 13.75 17.36
N GLY D 105 -18.23 13.99 18.16
CA GLY D 105 -19.59 13.68 17.76
C GLY D 105 -20.27 12.63 18.60
N ASN D 106 -21.37 12.08 18.07
CA ASN D 106 -22.15 11.06 18.76
C ASN D 106 -21.42 9.73 18.75
N GLY D 107 -21.90 8.80 19.56
CA GLY D 107 -21.37 7.44 19.61
C GLY D 107 -20.70 7.07 20.91
N TRP D 108 -20.50 8.01 21.82
CA TRP D 108 -19.83 7.71 23.07
C TRP D 108 -20.80 7.09 24.07
N PHE D 109 -20.34 6.04 24.75
CA PHE D 109 -21.05 5.50 25.90
C PHE D 109 -20.06 5.25 27.03
N LYS D 110 -20.54 5.44 28.26
CA LYS D 110 -19.69 5.39 29.45
C LYS D 110 -19.54 3.95 29.92
N ILE D 111 -18.30 3.56 30.23
CA ILE D 111 -18.02 2.20 30.70
C ILE D 111 -17.37 2.17 32.08
N GLN D 112 -16.97 3.31 32.64
CA GLN D 112 -16.35 3.34 33.95
C GLN D 112 -16.44 4.75 34.51
N GLN D 113 -16.60 4.83 35.83
CA GLN D 113 -16.51 6.10 36.53
C GLN D 113 -16.21 5.85 38.00
N ASP D 114 -15.49 6.80 38.60
CA ASP D 114 -15.11 6.71 40.01
C ASP D 114 -15.14 8.14 40.55
N GLY D 115 -16.23 8.50 41.23
CA GLY D 115 -16.41 9.84 41.73
C GLY D 115 -15.86 10.04 43.13
N MET D 116 -16.75 10.23 44.10
CA MET D 116 -16.37 10.37 45.50
C MET D 116 -17.07 9.28 46.31
N ASP D 117 -16.28 8.51 47.07
CA ASP D 117 -16.84 7.43 47.86
C ASP D 117 -17.37 7.96 49.19
N SER D 118 -17.85 7.05 50.04
CA SER D 118 -18.47 7.42 51.30
C SER D 118 -17.48 7.97 52.32
N SER D 119 -16.17 7.82 52.08
CA SER D 119 -15.16 8.37 52.96
C SER D 119 -14.65 9.73 52.48
N GLY D 120 -15.26 10.29 51.43
CA GLY D 120 -14.81 11.55 50.90
C GLY D 120 -13.57 11.47 50.03
N VAL D 121 -13.20 10.28 49.59
CA VAL D 121 -12.01 10.09 48.75
C VAL D 121 -12.46 10.03 47.30
N TRP D 122 -11.68 10.67 46.43
CA TRP D 122 -12.06 10.88 45.04
C TRP D 122 -11.36 9.90 44.10
N GLY D 123 -11.93 9.76 42.91
CA GLY D 123 -11.35 8.87 41.92
C GLY D 123 -9.94 9.26 41.53
N THR D 124 -9.70 10.56 41.31
CA THR D 124 -8.36 11.01 40.93
C THR D 124 -7.34 10.71 42.02
N GLU D 125 -7.78 10.66 43.28
CA GLU D 125 -6.86 10.39 44.37
C GLU D 125 -6.42 8.92 44.38
N ARG D 126 -7.29 8.03 43.92
CA ARG D 126 -6.90 6.62 43.81
C ARG D 126 -5.93 6.41 42.65
N VAL D 127 -6.02 7.24 41.61
CA VAL D 127 -5.04 7.17 40.51
C VAL D 127 -3.73 7.83 40.92
N ILE D 128 -3.81 9.01 41.54
CA ILE D 128 -2.61 9.72 41.97
C ILE D 128 -1.77 8.84 42.89
N ASN D 129 -2.41 8.25 43.90
CA ASN D 129 -1.72 7.41 44.87
C ASN D 129 -1.68 5.95 44.46
N GLY D 130 -2.10 5.62 43.24
CA GLY D 130 -2.05 4.26 42.75
C GLY D 130 -1.14 4.13 41.55
N LYS D 131 -0.05 4.88 41.53
CA LYS D 131 0.94 4.82 40.46
C LYS D 131 0.34 5.20 39.11
N GLY D 132 -0.68 6.04 39.12
CA GLY D 132 -1.30 6.51 37.90
C GLY D 132 -2.13 5.46 37.17
N ARG D 133 -2.49 4.37 37.84
CA ARG D 133 -3.21 3.28 37.21
C ARG D 133 -4.71 3.54 37.27
N HIS D 134 -5.36 3.46 36.11
CA HIS D 134 -6.78 3.75 35.94
C HIS D 134 -7.39 2.53 35.24
N SER D 135 -7.88 1.58 36.03
N SER D 135 -7.89 1.58 36.04
CA SER D 135 -8.39 0.32 35.49
CA SER D 135 -8.41 0.33 35.52
C SER D 135 -9.77 0.53 34.89
C SER D 135 -9.77 0.55 34.88
N ILE D 136 -9.98 -0.02 33.69
CA ILE D 136 -11.20 0.19 32.92
C ILE D 136 -11.63 -1.15 32.32
N LYS D 137 -12.86 -1.55 32.59
CA LYS D 137 -13.39 -2.83 32.14
C LYS D 137 -14.05 -2.68 30.77
N ILE D 138 -13.55 -3.42 29.80
CA ILE D 138 -14.17 -3.45 28.47
C ILE D 138 -15.39 -4.36 28.53
N PRO D 139 -16.58 -3.89 28.14
CA PRO D 139 -17.76 -4.75 28.25
C PRO D 139 -17.67 -5.96 27.32
N GLU D 140 -18.18 -7.09 27.82
CA GLU D 140 -18.16 -8.32 27.04
C GLU D 140 -19.23 -8.35 25.95
N CYS D 141 -20.29 -7.57 26.10
CA CYS D 141 -21.50 -7.70 25.29
C CYS D 141 -21.57 -6.72 24.13
N ILE D 142 -20.56 -5.89 23.94
CA ILE D 142 -20.59 -4.90 22.86
C ILE D 142 -20.16 -5.55 21.55
N ALA D 143 -20.46 -4.86 20.45
CA ALA D 143 -20.07 -5.35 19.14
C ALA D 143 -18.54 -5.31 19.01
N PRO D 144 -17.97 -6.27 18.27
CA PRO D 144 -16.51 -6.26 18.09
C PRO D 144 -16.09 -5.24 17.04
N GLY D 145 -14.79 -4.92 17.07
CA GLY D 145 -14.22 -4.07 16.05
C GLY D 145 -13.45 -2.88 16.59
N GLN D 146 -13.38 -1.82 15.78
CA GLN D 146 -12.57 -0.66 16.10
C GLN D 146 -13.32 0.27 17.05
N TYR D 147 -12.61 0.79 18.06
CA TYR D 147 -13.17 1.71 19.03
C TYR D 147 -12.13 2.76 19.39
N LEU D 148 -12.63 3.93 19.80
CA LEU D 148 -11.83 4.90 20.54
C LEU D 148 -12.17 4.76 22.02
N LEU D 149 -11.14 4.75 22.87
CA LEU D 149 -11.30 4.71 24.32
C LEU D 149 -10.92 6.08 24.86
N ARG D 150 -11.90 6.80 25.40
CA ARG D 150 -11.70 8.12 25.97
C ARG D 150 -11.63 7.99 27.49
N ALA D 151 -10.42 8.10 28.03
CA ALA D 151 -10.21 8.09 29.47
C ALA D 151 -10.00 9.51 29.97
N GLU D 152 -10.61 9.84 31.11
CA GLU D 152 -10.70 11.22 31.55
C GLU D 152 -10.51 11.32 33.06
N MET D 153 -9.86 12.40 33.48
CA MET D 153 -9.80 12.82 34.87
C MET D 153 -10.22 14.27 34.94
N ILE D 154 -11.17 14.59 35.81
CA ILE D 154 -11.69 15.94 35.97
C ILE D 154 -11.23 16.47 37.32
N ALA D 155 -10.46 17.56 37.30
CA ALA D 155 -10.03 18.22 38.52
C ALA D 155 -11.02 19.33 38.87
N LEU D 156 -11.53 19.30 40.11
CA LEU D 156 -12.60 20.19 40.54
C LEU D 156 -12.14 21.20 41.60
N HIS D 157 -10.84 21.26 41.90
CA HIS D 157 -10.35 22.16 42.95
C HIS D 157 -10.64 23.62 42.65
N ALA D 158 -10.90 23.98 41.39
CA ALA D 158 -11.16 25.37 41.01
C ALA D 158 -12.48 25.50 40.28
N ALA D 159 -13.45 24.63 40.59
CA ALA D 159 -14.67 24.51 39.81
C ALA D 159 -15.88 25.17 40.48
N SER D 160 -15.66 26.05 41.46
CA SER D 160 -16.78 26.73 42.10
C SER D 160 -17.62 27.50 41.08
N ASN D 161 -16.98 28.04 40.05
CA ASN D 161 -17.67 28.68 38.95
C ASN D 161 -17.30 27.98 37.64
N TYR D 162 -18.12 28.22 36.62
CA TYR D 162 -17.82 27.74 35.28
C TYR D 162 -17.54 28.91 34.36
N PRO D 163 -16.44 28.86 33.60
CA PRO D 163 -15.43 27.79 33.54
C PRO D 163 -14.58 27.70 34.80
N GLY D 164 -14.15 26.49 35.13
CA GLY D 164 -13.36 26.24 36.32
C GLY D 164 -12.91 24.80 36.42
N ALA D 165 -13.84 23.88 36.19
CA ALA D 165 -13.47 22.46 36.15
C ALA D 165 -12.44 22.24 35.06
N GLN D 166 -11.51 21.32 35.32
CA GLN D 166 -10.39 21.07 34.42
C GLN D 166 -10.50 19.65 33.88
N PHE D 167 -10.68 19.53 32.58
CA PHE D 167 -10.93 18.25 31.91
C PHE D 167 -9.65 17.76 31.25
N TYR D 168 -9.15 16.61 31.71
CA TYR D 168 -7.97 15.97 31.15
C TYR D 168 -8.40 14.66 30.51
N MET D 169 -8.22 14.54 29.20
CA MET D 169 -8.68 13.35 28.49
C MET D 169 -7.75 13.06 27.32
N GLU D 170 -7.59 11.78 27.03
CA GLU D 170 -6.90 11.31 25.84
C GLU D 170 -7.67 10.11 25.29
N CYS D 171 -7.52 9.87 23.99
CA CYS D 171 -8.25 8.81 23.30
C CYS D 171 -7.26 7.74 22.84
N ALA D 172 -7.48 6.51 23.29
CA ALA D 172 -6.72 5.36 22.81
C ALA D 172 -7.43 4.71 21.63
N GLN D 173 -6.66 3.96 20.85
CA GLN D 173 -7.15 3.35 19.61
C GLN D 173 -7.17 1.84 19.82
N LEU D 174 -8.37 1.26 19.79
CA LEU D 174 -8.57 -0.14 20.18
C LEU D 174 -9.16 -0.96 19.05
N ASN D 175 -8.77 -2.24 19.02
CA ASN D 175 -9.42 -3.27 18.23
C ASN D 175 -10.01 -4.26 19.22
N VAL D 176 -11.31 -4.21 19.44
CA VAL D 176 -11.98 -5.04 20.43
C VAL D 176 -12.34 -6.38 19.77
N VAL D 177 -11.75 -7.46 20.27
CA VAL D 177 -12.00 -8.81 19.76
C VAL D 177 -12.73 -9.59 20.83
N GLY D 178 -13.66 -10.44 20.39
CA GLY D 178 -14.40 -11.31 21.29
C GLY D 178 -15.72 -10.76 21.78
N GLY D 179 -16.14 -9.59 21.30
CA GLY D 179 -17.41 -9.04 21.72
C GLY D 179 -18.57 -9.81 21.11
N THR D 180 -19.59 -10.07 21.94
CA THR D 180 -20.75 -10.84 21.48
C THR D 180 -21.74 -9.99 20.70
N GLY D 181 -21.75 -8.68 20.89
CA GLY D 181 -22.69 -7.81 20.20
C GLY D 181 -24.12 -7.96 20.66
N ALA D 182 -24.35 -8.53 21.84
CA ALA D 182 -25.71 -8.80 22.30
C ALA D 182 -26.46 -7.52 22.63
N LYS D 183 -25.77 -6.49 23.09
CA LYS D 183 -26.40 -5.24 23.51
C LYS D 183 -25.77 -4.06 22.80
N THR D 184 -26.60 -3.07 22.49
CA THR D 184 -26.16 -1.86 21.80
C THR D 184 -26.30 -0.66 22.73
N PRO D 185 -25.21 -0.11 23.26
CA PRO D 185 -25.35 1.02 24.18
C PRO D 185 -26.06 2.20 23.53
N SER D 186 -26.81 2.93 24.35
CA SER D 186 -27.20 4.29 23.96
C SER D 186 -25.99 5.21 24.12
N THR D 187 -25.91 6.19 23.23
CA THR D 187 -24.69 6.98 23.11
C THR D 187 -24.98 8.46 23.33
N VAL D 188 -23.92 9.21 23.66
CA VAL D 188 -23.96 10.65 23.81
C VAL D 188 -22.89 11.25 22.91
N SER D 189 -22.85 12.58 22.86
CA SER D 189 -21.91 13.30 22.01
C SER D 189 -20.89 14.06 22.85
N PHE D 190 -19.71 14.22 22.27
CA PHE D 190 -18.71 15.16 22.78
C PHE D 190 -18.28 16.07 21.63
N PRO D 191 -18.50 17.39 21.75
CA PRO D 191 -19.18 18.11 22.85
C PRO D 191 -20.66 17.80 22.93
N GLY D 192 -21.25 17.99 24.11
CA GLY D 192 -22.68 17.79 24.30
C GLY D 192 -23.03 17.12 25.60
N ALA D 193 -22.31 16.06 25.96
CA ALA D 193 -22.67 15.28 27.14
C ALA D 193 -22.47 16.07 28.42
N TYR D 194 -21.53 17.02 28.43
CA TYR D 194 -21.25 17.84 29.60
C TYR D 194 -21.82 19.24 29.40
N SER D 195 -22.37 19.81 30.46
CA SER D 195 -22.83 21.18 30.47
C SER D 195 -22.18 21.94 31.62
N GLY D 196 -21.89 23.22 31.37
CA GLY D 196 -21.27 24.06 32.37
C GLY D 196 -22.07 24.23 33.65
N SER D 197 -23.34 23.85 33.65
CA SER D 197 -24.19 23.93 34.83
C SER D 197 -24.42 22.59 35.50
N ASP D 198 -23.81 21.51 34.99
CA ASP D 198 -23.99 20.21 35.60
C ASP D 198 -23.59 20.25 37.07
N PRO D 199 -24.29 19.52 37.94
CA PRO D 199 -23.92 19.54 39.37
C PRO D 199 -22.52 19.00 39.65
N GLY D 200 -21.97 18.19 38.76
CA GLY D 200 -20.63 17.67 38.91
C GLY D 200 -19.55 18.46 38.21
N VAL D 201 -19.91 19.55 37.54
CA VAL D 201 -18.96 20.40 36.82
C VAL D 201 -18.80 21.74 37.53
N LYS D 202 -19.91 22.42 37.82
CA LYS D 202 -19.91 23.63 38.61
C LYS D 202 -20.21 23.25 40.05
N ILE D 203 -19.18 23.28 40.90
CA ILE D 203 -19.29 22.76 42.25
C ILE D 203 -18.12 23.23 43.08
N SER D 204 -18.38 23.66 44.31
CA SER D 204 -17.33 23.88 45.29
C SER D 204 -17.15 22.59 46.09
N ILE D 205 -15.95 22.01 46.03
CA ILE D 205 -15.69 20.76 46.73
C ILE D 205 -15.24 21.05 48.16
N TYR D 206 -15.26 22.32 48.56
CA TYR D 206 -14.81 22.72 49.89
C TYR D 206 -15.94 23.17 50.80
N TRP D 207 -16.82 24.04 50.30
CA TRP D 207 -17.92 24.52 51.13
C TRP D 207 -19.19 24.78 50.31
N PRO D 208 -20.34 24.26 50.78
CA PRO D 208 -20.50 23.37 51.93
C PRO D 208 -19.92 21.98 51.65
N PRO D 209 -19.70 21.19 52.71
CA PRO D 209 -19.03 19.90 52.52
C PRO D 209 -19.76 19.02 51.50
N VAL D 210 -18.98 18.39 50.64
CA VAL D 210 -19.52 17.50 49.61
C VAL D 210 -19.71 16.12 50.20
N THR D 211 -20.92 15.58 50.06
CA THR D 211 -21.28 14.29 50.60
C THR D 211 -21.75 13.30 49.55
N SER D 212 -22.34 13.78 48.46
CA SER D 212 -22.65 12.94 47.31
C SER D 212 -22.29 13.73 46.05
N TYR D 213 -21.53 13.10 45.16
CA TYR D 213 -21.08 13.73 43.94
C TYR D 213 -21.73 13.04 42.74
N THR D 214 -22.29 13.83 41.84
CA THR D 214 -22.90 13.32 40.61
C THR D 214 -21.88 13.45 39.48
N VAL D 215 -21.32 12.33 39.06
CA VAL D 215 -20.36 12.36 37.95
C VAL D 215 -21.06 12.86 36.69
N PRO D 216 -20.50 13.80 35.95
CA PRO D 216 -21.15 14.23 34.71
C PRO D 216 -21.25 13.10 33.69
N GLY D 217 -22.15 13.27 32.73
CA GLY D 217 -22.32 12.32 31.67
C GLY D 217 -23.44 11.34 31.93
N PRO D 218 -23.64 10.40 31.00
CA PRO D 218 -24.68 9.38 31.17
C PRO D 218 -24.26 8.33 32.19
N SER D 219 -25.21 7.46 32.52
N SER D 219 -25.21 7.46 32.52
CA SER D 219 -24.92 6.39 33.46
CA SER D 219 -24.94 6.37 33.43
C SER D 219 -24.03 5.33 32.80
C SER D 219 -23.99 5.36 32.79
N VAL D 220 -23.29 4.60 33.63
CA VAL D 220 -22.37 3.59 33.15
C VAL D 220 -23.16 2.50 32.42
N PHE D 221 -22.69 2.14 31.23
CA PHE D 221 -23.27 1.02 30.50
C PHE D 221 -22.85 -0.29 31.16
N THR D 222 -23.82 -1.18 31.35
CA THR D 222 -23.58 -2.47 31.99
C THR D 222 -24.16 -3.58 31.15
N CYS D 223 -23.43 -4.69 31.06
CA CYS D 223 -23.86 -5.83 30.25
C CYS D 223 -24.93 -6.64 30.97
C1 NAG E . -16.18 21.62 -3.39
C2 NAG E . -15.51 22.64 -2.50
C3 NAG E . -15.50 24.00 -3.18
C4 NAG E . -14.76 23.87 -4.51
C5 NAG E . -15.39 22.75 -5.36
C6 NAG E . -14.60 22.46 -6.61
C7 NAG E . -17.27 23.06 -0.75
C8 NAG E . -18.21 23.57 -1.79
N2 NAG E . -16.04 22.69 -1.14
O3 NAG E . -14.86 24.95 -2.34
O4 NAG E . -14.83 25.09 -5.23
O5 NAG E . -15.47 21.52 -4.62
O6 NAG E . -15.12 21.33 -7.31
O7 NAG E . -17.59 23.03 0.44
H1 NAG E . -17.09 21.90 -3.58
H2 NAG E . -14.58 22.36 -2.43
H3 NAG E . -16.41 24.29 -3.35
H4 NAG E . -13.83 23.65 -4.34
H5 NAG E . -16.29 23.03 -5.62
H61 NAG E . -14.63 23.23 -7.20
H62 NAG E . -13.67 22.27 -6.37
H81 NAG E . -19.07 23.81 -1.38
H82 NAG E . -18.37 22.86 -2.45
H83 NAG E . -17.83 24.34 -2.24
HN2 NAG E . -15.49 22.38 -0.49
HO3 NAG E . -14.71 25.70 -2.79
HO6 NAG E . -15.17 21.52 -8.17
C1 NAG E . -13.51 25.63 -5.43
C2 NAG E . -13.60 26.81 -6.41
C3 NAG E . -12.23 27.49 -6.57
C4 NAG E . -11.63 27.83 -5.20
C5 NAG E . -11.62 26.58 -4.33
C6 NAG E . -11.08 26.82 -2.95
C7 NAG E . -15.36 26.56 -8.10
C8 NAG E . -15.71 26.04 -9.46
N2 NAG E . -14.10 26.37 -7.70
O3 NAG E . -12.40 28.67 -7.34
O4 NAG E . -10.28 28.25 -5.30
O5 NAG E . -12.95 26.07 -4.20
O6 NAG E . -11.96 27.64 -2.17
O7 NAG E . -16.18 27.13 -7.41
H1 NAG E . -12.93 24.94 -5.81
H2 NAG E . -14.22 27.47 -6.04
H3 NAG E . -11.63 26.88 -7.04
H4 NAG E . -12.17 28.52 -4.77
H5 NAG E . -11.07 25.90 -4.77
H61 NAG E . -10.97 25.96 -2.50
H62 NAG E . -10.21 27.26 -3.01
H81 NAG E . -16.64 26.22 -9.67
H82 NAG E . -15.14 26.46 -10.14
H83 NAG E . -15.56 25.07 -9.49
HN2 NAG E . -13.53 25.93 -8.27
HO3 NAG E . -12.55 28.45 -8.18
HO6 NAG E . -11.79 27.51 -1.31
C1 MAN E . -9.93 29.48 -6.00
C2 MAN E . -8.51 29.84 -5.48
C3 MAN E . -8.27 31.36 -5.40
C4 MAN E . -8.98 32.13 -6.53
C5 MAN E . -10.49 31.75 -6.66
C6 MAN E . -10.86 31.38 -8.08
O2 MAN E . -7.51 29.36 -6.38
O3 MAN E . -6.87 31.66 -5.47
O4 MAN E . -8.87 33.52 -6.30
O5 MAN E . -10.82 30.59 -5.83
O6 MAN E . -11.20 32.52 -8.85
H1 MAN E . -9.92 29.30 -7.09
H2 MAN E . -8.37 29.40 -4.48
H3 MAN E . -8.63 31.74 -4.44
H4 MAN E . -8.49 31.86 -7.48
H5 MAN E . -11.10 32.61 -6.35
H61 MAN E . -11.71 30.67 -8.03
H62 MAN E . -10.00 30.84 -8.51
HO2 MAN E . -7.40 28.41 -6.24
HO4 MAN E . -8.26 33.85 -6.98
C1 MAN E . -6.36 32.41 -4.34
C2 MAN E . -5.03 33.01 -4.80
C3 MAN E . -4.11 31.87 -5.19
C4 MAN E . -3.91 30.92 -3.99
C5 MAN E . -5.29 30.45 -3.44
C6 MAN E . -5.15 29.72 -2.11
O2 MAN E . -4.35 33.65 -3.72
O3 MAN E . -2.85 32.32 -5.69
O4 MAN E . -3.16 29.78 -4.39
O5 MAN E . -6.16 31.59 -3.22
O6 MAN E . -4.51 30.59 -1.19
H1 MAN E . -7.06 33.19 -4.02
H2 MAN E . -5.19 33.69 -5.64
H3 MAN E . -4.57 31.30 -6.01
H4 MAN E . -3.39 31.48 -3.19
H5 MAN E . -5.74 29.76 -4.16
H61 MAN E . -4.57 28.80 -2.28
H62 MAN E . -6.16 29.44 -1.78
HO3 MAN E . -2.89 32.19 -6.65
HO4 MAN E . -2.25 29.98 -4.11
C1 MAN E . -4.40 35.10 -3.80
C2 MAN E . -3.19 35.63 -2.99
C3 MAN E . -3.65 36.27 -1.65
C4 MAN E . -4.84 35.55 -0.96
C5 MAN E . -5.91 35.07 -1.98
C6 MAN E . -7.32 35.52 -1.62
O2 MAN E . -2.51 36.67 -3.70
O3 MAN E . -3.94 37.66 -1.82
O4 MAN E . -4.36 34.44 -0.22
O5 MAN E . -5.61 35.57 -3.28
O6 MAN E . -8.16 35.28 -2.75
H1 MAN E . -4.36 35.44 -4.84
H2 MAN E . -2.51 34.80 -2.78
H3 MAN E . -2.80 36.24 -0.96
H4 MAN E . -5.33 36.28 -0.30
H5 MAN E . -5.91 33.97 -2.00
H61 MAN E . -7.66 34.96 -0.74
H62 MAN E . -7.28 36.59 -1.36
HO2 MAN E . -1.67 36.32 -4.02
HO3 MAN E . -3.30 38.13 -1.26
HO4 MAN E . -4.53 34.67 0.71
C1 MAN E . -12.04 32.07 -9.94
C2 MAN E . -11.21 31.18 -10.92
C3 MAN E . -10.18 32.00 -11.70
C4 MAN E . -10.80 33.30 -12.27
C5 MAN E . -11.65 34.06 -11.23
C6 MAN E . -12.45 35.18 -11.86
O2 MAN E . -12.05 30.61 -11.93
O3 MAN E . -9.67 31.22 -12.76
O4 MAN E . -9.76 34.15 -12.71
O5 MAN E . -12.60 33.18 -10.61
O6 MAN E . -11.85 36.42 -11.49
H1 MAN E . -12.90 31.51 -9.55
H2 MAN E . -10.69 30.39 -10.35
H3 MAN E . -9.35 32.26 -11.04
H4 MAN E . -11.46 33.03 -13.11
H5 MAN E . -10.98 34.49 -10.47
H61 MAN E . -13.50 35.11 -11.49
H62 MAN E . -12.46 35.04 -12.94
HO2 MAN E . -12.08 29.64 -11.81
HO4 MAN E . -9.42 33.76 -13.54
C1 MAN E . -8.23 31.35 -12.93
C2 MAN E . -7.96 31.03 -14.42
C3 MAN E . -8.24 29.54 -14.68
C4 MAN E . -7.50 28.66 -13.66
C5 MAN E . -7.85 29.09 -12.23
C6 MAN E . -7.08 28.30 -11.18
O2 MAN E . -6.59 31.25 -14.76
O3 MAN E . -7.91 29.17 -16.00
O4 MAN E . -7.86 27.30 -13.84
O5 MAN E . -7.53 30.49 -12.07
O6 MAN E . -7.39 28.84 -9.91
H1 MAN E . -7.90 32.37 -12.68
H2 MAN E . -8.62 31.65 -15.05
H3 MAN E . -9.32 29.37 -14.56
H4 MAN E . -6.41 28.79 -13.82
H5 MAN E . -8.92 28.93 -12.06
H61 MAN E . -7.37 27.25 -11.25
H62 MAN E . -6.01 28.39 -11.42
HO2 MAN E . -6.53 32.03 -15.33
HO3 MAN E . -8.76 29.17 -16.49
HO4 MAN E . -7.64 27.08 -14.77
C1 NAG F . 33.65 -5.23 -24.19
C2 NAG F . 33.62 -5.30 -25.72
C3 NAG F . 34.11 -3.99 -26.34
C4 NAG F . 33.43 -2.78 -25.70
C5 NAG F . 33.49 -2.89 -24.18
C6 NAG F . 32.74 -1.78 -23.46
C7 NAG F . 33.95 -7.52 -26.74
C8 NAG F . 34.95 -8.56 -27.14
N2 NAG F . 34.45 -6.41 -26.18
O3 NAG F . 33.82 -4.02 -27.74
O4 NAG F . 34.08 -1.58 -26.06
O5 NAG F . 32.90 -4.12 -23.77
O6 NAG F . 33.25 -1.58 -22.16
O7 NAG F . 32.75 -7.68 -26.92
H1 NAG F . 34.57 -5.13 -23.89
H2 NAG F . 32.70 -5.45 -26.01
H3 NAG F . 35.07 -3.91 -26.22
H4 NAG F . 32.49 -2.74 -25.99
H5 NAG F . 34.42 -2.87 -23.91
H61 NAG F . 31.80 -2.01 -23.41
H62 NAG F . 32.84 -0.95 -23.98
H81 NAG F . 34.49 -9.32 -27.53
H82 NAG F . 35.45 -8.85 -26.35
H83 NAG F . 35.56 -8.18 -27.79
HN2 NAG F . 35.35 -6.35 -26.08
HO3 NAG F . 34.57 -3.86 -28.20
HO6 NAG F . 33.12 -0.74 -21.91
C1 NAG F . 34.09 -1.27 -27.46
C2 NAG F . 34.02 0.26 -27.59
C3 NAG F . 34.21 0.70 -29.04
C4 NAG F . 35.45 0.04 -29.65
C5 NAG F . 35.34 -1.46 -29.48
C6 NAG F . 36.54 -2.21 -30.04
C7 NAG F . 32.59 1.29 -25.87
C8 NAG F . 31.21 1.73 -25.52
N2 NAG F . 32.75 0.75 -27.08
O3 NAG F . 34.36 2.12 -29.08
O4 NAG F . 35.55 0.37 -31.04
O5 NAG F . 35.27 -1.76 -28.09
O6 NAG F . 37.76 -1.61 -29.63
O7 NAG F . 33.54 1.41 -25.08
H1 NAG F . 33.31 -1.66 -27.88
H2 NAG F . 34.74 0.64 -27.05
H3 NAG F . 33.44 0.45 -29.56
H4 NAG F . 36.25 0.36 -29.19
H5 NAG F . 34.53 -1.78 -29.93
H61 NAG F . 36.50 -3.13 -29.71
H62 NAG F . 36.49 -2.21 -31.01
H81 NAG F . 31.20 2.11 -24.63
H82 NAG F . 30.92 2.42 -26.16
H83 NAG F . 30.60 0.97 -25.56
HN2 NAG F . 32.02 0.68 -27.62
HO3 NAG F . 33.85 2.45 -29.72
HO4 NAG F . 36.13 1.03 -31.15
HO6 NAG F . 38.44 -2.15 -29.85
C1 NAG G . -6.53 -10.28 -7.37
C2 NAG G . -7.77 -9.55 -7.89
C3 NAG G . -8.63 -9.06 -6.73
C4 NAG G . -8.90 -10.17 -5.74
C5 NAG G . -7.59 -10.82 -5.32
C6 NAG G . -7.75 -11.98 -4.38
C7 NAG G . -7.29 -8.45 -10.08
C8 NAG G . -7.66 -9.73 -10.75
N2 NAG G . -7.37 -8.43 -8.73
O3 NAG G . -9.85 -8.55 -7.24
O4 NAG G . -9.55 -9.63 -4.60
O5 NAG G . -6.93 -11.31 -6.48
O6 NAG G . -6.48 -12.50 -3.98
O7 NAG G . -6.94 -7.47 -10.72
H1 NAG G . -5.95 -9.66 -6.89
H2 NAG G . -8.30 -10.17 -8.42
H3 NAG G . -8.15 -8.34 -6.27
H4 NAG G . -9.48 -10.84 -6.16
H5 NAG G . -7.03 -10.14 -4.90
H61 NAG G . -8.24 -11.69 -3.58
H62 NAG G . -8.25 -12.69 -4.82
H81 NAG G . -7.08 -10.46 -10.44
H82 NAG G . -8.59 -9.97 -10.53
H83 NAG G . -7.57 -9.64 -11.71
HN2 NAG G . -7.14 -7.65 -8.32
HO3 NAG G . -10.35 -8.23 -6.58
HO6 NAG G . -6.52 -12.77 -3.13
C1 NAG G . -10.92 -10.11 -4.49
C2 NAG G . -11.49 -9.50 -3.22
C3 NAG G . -12.91 -9.99 -3.00
C4 NAG G . -13.78 -9.79 -4.25
C5 NAG G . -13.06 -10.30 -5.51
C6 NAG G . -13.77 -9.92 -6.79
C7 NAG G . -9.75 -8.94 -1.60
C8 NAG G . -8.95 -9.41 -0.42
N2 NAG G . -10.65 -9.79 -2.08
O3 NAG G . -13.49 -9.28 -1.91
O4 NAG G . -14.96 -10.58 -4.13
O5 NAG G . -11.73 -9.75 -5.60
O6 NAG G . -13.67 -10.97 -7.75
O7 NAG G . -9.58 -7.82 -2.10
H1 NAG G . -10.91 -11.09 -4.40
H2 NAG G . -11.53 -8.52 -3.35
H3 NAG G . -12.89 -10.94 -2.79
H4 NAG G . -14.00 -8.84 -4.35
H5 NAG G . -12.98 -11.26 -5.46
H61 NAG G . -13.37 -9.11 -7.16
H62 NAG G . -14.71 -9.76 -6.59
H81 NAG G . -9.57 -9.61 0.33
H82 NAG G . -8.47 -10.22 -0.66
H83 NAG G . -8.33 -8.72 -0.14
HN2 NAG G . -10.74 -10.60 -1.68
HO3 NAG G . -13.54 -9.82 -1.19
HO6 NAG G . -13.40 -10.62 -8.53
C1 MAN G . -16.12 -10.09 -3.38
C2 MAN G . -17.25 -10.12 -4.44
C3 MAN G . -18.57 -9.70 -3.85
C4 MAN G . -18.53 -9.13 -2.41
C5 MAN G . -17.22 -8.34 -2.05
C6 MAN G . -16.92 -8.44 -0.55
O2 MAN G . -17.45 -11.45 -4.91
O3 MAN G . -19.42 -10.82 -3.85
O4 MAN G . -19.65 -8.27 -2.24
O5 MAN G . -16.02 -8.78 -2.80
O6 MAN G . -15.51 -8.40 -0.37
H1 MAN G . -16.35 -10.76 -2.55
H2 MAN G . -16.98 -9.45 -5.27
H3 MAN G . -19.04 -8.97 -4.50
H4 MAN G . -18.59 -9.98 -1.71
H5 MAN G . -17.41 -7.27 -2.27
H61 MAN G . -17.35 -9.38 -0.18
H62 MAN G . -17.42 -7.61 -0.05
HO2 MAN G . -17.18 -11.51 -5.83
HO3 MAN G . -19.04 -11.43 -3.20
HO4 MAN G . -19.80 -8.23 -1.29
C1 MAN G . -20.75 -10.87 -4.47
C2 MAN G . -21.21 -12.33 -4.21
C3 MAN G . -20.78 -13.28 -5.31
C4 MAN G . -21.12 -12.75 -6.65
C5 MAN G . -20.45 -11.43 -6.84
C6 MAN G . -20.81 -10.91 -8.24
O2 MAN G . -22.60 -12.56 -3.96
O3 MAN G . -21.43 -14.53 -5.20
O4 MAN G . -20.63 -13.67 -7.63
O5 MAN G . -20.80 -10.48 -5.84
O6 MAN G . -21.18 -11.91 -9.19
H1 MAN G . -21.43 -10.22 -3.89
H2 MAN G . -20.68 -12.63 -3.30
H3 MAN G . -19.69 -13.41 -5.28
H4 MAN G . -22.21 -12.61 -6.73
H5 MAN G . -19.37 -11.62 -6.81
H61 MAN G . -21.62 -10.20 -8.13
H62 MAN G . -19.95 -10.35 -8.65
HO2 MAN G . -22.78 -12.47 -3.03
HO3 MAN G . -21.28 -15.08 -5.97
HO4 MAN G . -21.36 -13.95 -8.19
CU CU H . 7.44 13.16 -9.81
O1 OXY I . 8.73 9.99 -20.39
O2 OXY I . 9.26 8.93 -20.18
CU CU J . 10.65 5.78 -19.75
CU CU K . -16.91 -34.08 -6.76
C1 NAG L . -11.80 -3.55 36.05
C2 NAG L . -11.31 -3.82 37.49
C3 NAG L . -12.42 -3.54 38.50
C4 NAG L . -13.02 -2.16 38.29
C5 NAG L . -13.45 -2.00 36.83
C6 NAG L . -13.97 -0.62 36.51
C7 NAG L . -9.54 -5.52 37.51
C8 NAG L . -9.23 -6.98 37.66
N2 NAG L . -10.84 -5.19 37.61
O3 NAG L . -11.88 -3.63 39.82
O4 NAG L . -14.14 -1.98 39.14
O5 NAG L . -12.33 -2.22 35.97
O6 NAG L . -14.21 -0.46 35.11
O7 NAG L . -8.67 -4.68 37.29
H1 NAG L . -12.50 -4.20 35.84
H2 NAG L . -10.57 -3.21 37.68
H3 NAG L . -13.12 -4.21 38.39
H4 NAG L . -12.35 -1.48 38.50
H5 NAG L . -14.15 -2.66 36.63
H61 NAG L . -14.82 -0.48 36.98
H62 NAG L . -13.33 0.05 36.80
H81 NAG L . -9.71 -7.48 36.98
H82 NAG L . -9.51 -7.28 38.54
H83 NAG L . -8.27 -7.12 37.57
HN2 NAG L . -11.44 -5.84 37.77
HO3 NAG L . -12.42 -4.13 40.32
HO4 NAG L . -13.91 -1.45 39.83
HO6 NAG L . -14.87 0.10 34.98
CU CU M . -3.48 20.92 36.89
O1 OXY N . -4.68 24.02 38.26
O2 OXY N . -4.99 24.81 39.12
#